data_5MUY
#
_entry.id   5MUY
#
_cell.length_a   76.340
_cell.length_b   76.601
_cell.length_c   116.060
_cell.angle_alpha   90.00
_cell.angle_beta   90.00
_cell.angle_gamma   90.00
#
_symmetry.space_group_name_H-M   'P 21 21 21'
#
loop_
_entity.id
_entity.type
_entity.pdbx_description
1 polymer 'L protein'
2 non-polymer "7N-METHYL-8-HYDROGUANOSINE-5'-TRIPHOSPHATE"
3 water water
#
_entity_poly.entity_id   1
_entity_poly.type   'polypeptide(L)'
_entity_poly.pdbx_seq_one_letter_code
;GPTAVQELNRICDGMILSSILRPQMVEPSLIGDVLKTEPFTSSLEVLKDIKVSGLMRYIKQVLLGRKSYYKFGEEHADGD
QNLFDYQFTGTPEEPIKGYWTTTISYRDSKPKISLTIRQEFVEGGVESQAVLATVVGRPHLQDFLLLKRKHLEYSDYPES
IDLIEFGDVKVIEKTVGHGQPVVLYMASLFPIGLTKIAEQGIGCHNEKNDATLKSLLKTAILNMTPDDVSLLPRSKLDAI
DHVVRNVYLRFNNSSAVSYGLHKLQSFEKILQLNGRIYETKESTLVFHHKKGVLVEDLKGLMSYKTLRVSEWREKQEPEE
ARVEVLEE
;
_entity_poly.pdbx_strand_id   A,B
#
loop_
_chem_comp.id
_chem_comp.type
_chem_comp.name
_chem_comp.formula
MGT non-polymer 7N-METHYL-8-HYDROGUANOSINE-5'-TRIPHOSPHATE 'C11 H20 N5 O14 P3'
#
# COMPACT_ATOMS: atom_id res chain seq x y z
N PRO A 2 -25.01 4.89 20.40
CA PRO A 2 -25.20 4.22 19.11
C PRO A 2 -24.00 4.34 18.18
N THR A 3 -22.89 3.65 18.45
CA THR A 3 -22.65 2.87 19.66
C THR A 3 -21.69 3.67 20.55
N ALA A 4 -21.02 3.01 21.49
CA ALA A 4 -20.03 3.71 22.31
C ALA A 4 -18.80 4.08 21.50
N VAL A 5 -18.37 3.20 20.59
CA VAL A 5 -17.26 3.49 19.70
C VAL A 5 -17.60 4.64 18.78
N GLN A 6 -18.79 4.62 18.21
CA GLN A 6 -19.18 5.71 17.33
C GLN A 6 -19.25 7.02 18.10
N GLU A 7 -19.63 6.95 19.39
CA GLU A 7 -19.73 8.15 20.21
C GLU A 7 -18.34 8.71 20.55
N LEU A 8 -17.46 7.86 21.08
CA LEU A 8 -16.06 8.24 21.31
C LEU A 8 -15.46 8.95 20.10
N ASN A 9 -15.56 8.32 18.92
CA ASN A 9 -15.14 8.95 17.68
C ASN A 9 -15.71 10.36 17.53
N ARG A 10 -17.00 10.53 17.79
CA ARG A 10 -17.62 11.83 17.52
C ARG A 10 -17.26 12.87 18.57
N ILE A 11 -17.03 12.46 19.81
CA ILE A 11 -16.42 13.39 20.76
C ILE A 11 -15.01 13.76 20.31
N CYS A 12 -14.25 12.78 19.79
CA CYS A 12 -12.92 13.06 19.25
C CYS A 12 -12.99 13.94 18.02
N ASP A 13 -13.96 13.67 17.14
CA ASP A 13 -14.17 14.55 15.98
C ASP A 13 -14.52 15.95 16.43
N GLY A 14 -15.31 16.07 17.49
CA GLY A 14 -15.71 17.39 17.95
C GLY A 14 -14.55 18.23 18.43
N MET A 15 -13.57 17.59 19.06
CA MET A 15 -12.35 18.29 19.50
C MET A 15 -11.49 18.72 18.31
N ILE A 16 -11.19 17.77 17.42
CA ILE A 16 -10.45 18.06 16.20
C ILE A 16 -11.10 19.20 15.43
N LEU A 17 -12.43 19.16 15.30
CA LEU A 17 -13.11 20.18 14.51
C LEU A 17 -13.08 21.51 15.22
N SER A 18 -13.26 21.50 16.54
CA SER A 18 -13.30 22.76 17.28
C SER A 18 -11.93 23.41 17.27
N SER A 19 -10.87 22.61 17.09
N SER A 19 -10.86 22.63 17.09
CA SER A 19 -9.48 23.07 17.09
CA SER A 19 -9.51 23.17 17.11
C SER A 19 -9.09 23.76 15.78
C SER A 19 -9.08 23.77 15.78
N ILE A 20 -9.88 23.63 14.72
CA ILE A 20 -9.52 24.27 13.46
C ILE A 20 -9.56 25.79 13.61
N LEU A 21 -10.60 26.31 14.26
CA LEU A 21 -10.81 27.75 14.36
C LEU A 21 -10.31 28.35 15.66
N ARG A 22 -10.31 27.58 16.74
N ARG A 22 -10.27 27.57 16.77
CA ARG A 22 -9.85 28.10 18.01
CA ARG A 22 -9.98 28.08 18.11
C ARG A 22 -8.91 27.09 18.63
C ARG A 22 -9.04 27.15 18.87
N PRO A 23 -7.81 27.56 19.23
CA PRO A 23 -6.95 26.69 20.01
C PRO A 23 -7.55 26.44 21.39
N GLN A 24 -7.21 25.29 21.98
CA GLN A 24 -7.73 24.99 23.31
C GLN A 24 -6.86 23.99 24.06
N MET A 25 -6.72 24.21 25.36
CA MET A 25 -6.00 23.27 26.21
C MET A 25 -6.71 21.93 26.27
N VAL A 26 -5.94 20.85 26.14
CA VAL A 26 -6.50 19.52 26.28
C VAL A 26 -6.61 19.25 27.78
N GLU A 27 -7.81 19.47 28.34
CA GLU A 27 -8.09 19.21 29.72
C GLU A 27 -9.59 18.87 29.83
N PRO A 28 -10.03 18.32 30.97
CA PRO A 28 -11.38 17.71 31.00
C PRO A 28 -12.51 18.65 30.66
N SER A 29 -12.34 19.97 30.82
CA SER A 29 -13.42 20.89 30.48
C SER A 29 -13.67 20.96 28.98
N LEU A 30 -12.64 20.69 28.18
CA LEU A 30 -12.85 20.65 26.72
C LEU A 30 -13.76 19.51 26.33
N ILE A 31 -13.62 18.35 26.99
CA ILE A 31 -14.46 17.22 26.61
C ILE A 31 -15.88 17.45 27.11
N GLY A 32 -16.03 18.13 28.26
CA GLY A 32 -17.34 18.52 28.74
C GLY A 32 -18.11 19.32 27.72
N ASP A 33 -17.46 20.33 27.13
CA ASP A 33 -18.18 21.19 26.21
C ASP A 33 -18.46 20.50 24.88
N VAL A 34 -17.66 19.50 24.49
CA VAL A 34 -18.01 18.71 23.30
C VAL A 34 -19.21 17.82 23.60
N LEU A 35 -19.25 17.20 24.78
CA LEU A 35 -20.38 16.38 25.19
C LEU A 35 -21.73 17.09 25.04
N LYS A 36 -21.74 18.43 25.02
CA LYS A 36 -23.00 19.15 24.76
C LYS A 36 -23.53 18.81 23.36
N THR A 37 -22.66 18.82 22.36
CA THR A 37 -23.04 18.55 20.98
C THR A 37 -23.02 17.06 20.63
N GLU A 38 -22.25 16.25 21.36
CA GLU A 38 -22.15 14.81 21.08
C GLU A 38 -22.06 14.07 22.41
N PRO A 39 -23.20 13.76 23.01
CA PRO A 39 -23.18 13.12 24.33
C PRO A 39 -22.71 11.67 24.26
N PHE A 40 -22.46 11.11 25.44
CA PHE A 40 -22.05 9.72 25.59
C PHE A 40 -23.17 8.97 26.29
N THR A 41 -23.91 8.17 25.53
CA THR A 41 -25.10 7.55 26.09
C THR A 41 -24.86 6.13 26.56
N SER A 42 -23.74 5.52 26.19
CA SER A 42 -23.49 4.15 26.62
C SER A 42 -23.00 4.18 28.06
N SER A 43 -22.76 2.99 28.62
CA SER A 43 -22.38 2.92 30.02
C SER A 43 -20.86 2.95 30.16
N LEU A 44 -20.40 3.57 31.24
CA LEU A 44 -18.98 3.55 31.56
C LEU A 44 -18.44 2.13 31.61
N GLU A 45 -19.29 1.16 31.97
CA GLU A 45 -18.81 -0.22 32.14
C GLU A 45 -18.46 -0.86 30.80
N VAL A 46 -19.20 -0.55 29.74
CA VAL A 46 -18.74 -1.02 28.43
C VAL A 46 -17.60 -0.15 27.91
N LEU A 47 -17.52 1.10 28.37
CA LEU A 47 -16.42 1.98 27.97
C LEU A 47 -15.06 1.38 28.36
N LYS A 48 -15.02 0.57 29.42
CA LYS A 48 -13.75 0.12 29.99
C LYS A 48 -13.11 -1.02 29.20
N ASP A 49 -13.84 -1.73 28.35
CA ASP A 49 -13.24 -2.76 27.51
C ASP A 49 -12.63 -2.19 26.24
N ILE A 50 -13.11 -1.03 25.79
CA ILE A 50 -12.63 -0.43 24.54
C ILE A 50 -11.21 0.06 24.72
N LYS A 51 -10.28 -0.44 23.90
CA LYS A 51 -8.87 -0.06 23.97
C LYS A 51 -8.58 0.96 22.87
N VAL A 52 -8.14 2.14 23.27
CA VAL A 52 -7.91 3.26 22.35
C VAL A 52 -6.63 3.96 22.77
N SER A 53 -6.15 4.85 21.91
CA SER A 53 -5.00 5.70 22.21
C SER A 53 -5.28 7.09 21.68
N GLY A 54 -4.31 7.99 21.86
CA GLY A 54 -4.49 9.34 21.39
C GLY A 54 -5.52 10.08 22.23
N LEU A 55 -6.16 11.08 21.61
CA LEU A 55 -7.25 11.79 22.26
C LEU A 55 -8.44 10.87 22.57
N MET A 56 -8.65 9.83 21.76
CA MET A 56 -9.72 8.87 22.04
C MET A 56 -9.56 8.27 23.42
N ARG A 57 -8.33 7.94 23.81
CA ARG A 57 -8.10 7.40 25.16
C ARG A 57 -8.20 8.48 26.21
N TYR A 58 -7.79 9.71 25.90
CA TYR A 58 -7.96 10.79 26.86
C TYR A 58 -9.46 11.04 27.15
N ILE A 59 -10.28 11.11 26.09
CA ILE A 59 -11.74 11.23 26.27
C ILE A 59 -12.26 10.11 27.18
N LYS A 60 -11.96 8.85 26.81
CA LYS A 60 -12.37 7.72 27.64
C LYS A 60 -11.99 7.93 29.10
N GLN A 61 -10.76 8.36 29.35
CA GLN A 61 -10.31 8.57 30.72
C GLN A 61 -11.11 9.67 31.41
N VAL A 62 -11.49 10.71 30.67
CA VAL A 62 -12.26 11.79 31.29
C VAL A 62 -13.66 11.30 31.62
N LEU A 63 -14.30 10.63 30.66
CA LEU A 63 -15.61 10.02 30.90
C LEU A 63 -15.58 9.13 32.13
N LEU A 64 -14.49 8.41 32.35
CA LEU A 64 -14.32 7.58 33.53
C LEU A 64 -13.87 8.38 34.76
N GLY A 65 -13.83 9.71 34.66
CA GLY A 65 -13.55 10.54 35.81
C GLY A 65 -12.13 11.07 35.95
N ARG A 66 -11.32 11.07 34.90
CA ARG A 66 -10.01 11.71 34.99
C ARG A 66 -10.18 13.23 34.99
N LYS A 67 -9.64 13.89 36.01
CA LYS A 67 -9.73 15.34 36.07
C LYS A 67 -8.38 16.06 35.88
N SER A 68 -7.32 15.35 35.54
CA SER A 68 -6.09 16.03 35.20
C SER A 68 -6.02 16.35 33.71
N TYR A 69 -5.19 17.33 33.36
CA TYR A 69 -4.94 17.73 31.98
C TYR A 69 -4.07 16.70 31.27
N TYR A 70 -4.16 16.68 29.95
CA TYR A 70 -3.34 15.78 29.13
C TYR A 70 -1.89 16.22 29.18
N LYS A 71 -0.98 15.27 29.40
CA LYS A 71 0.43 15.55 29.62
C LYS A 71 1.27 14.99 28.47
N PHE A 72 1.92 15.89 27.73
CA PHE A 72 2.73 15.46 26.60
C PHE A 72 3.74 14.39 27.00
N GLY A 73 3.78 13.29 26.24
CA GLY A 73 4.63 12.17 26.52
C GLY A 73 4.05 11.06 27.37
N GLU A 74 2.81 11.22 27.86
CA GLU A 74 2.25 10.22 28.76
C GLU A 74 1.89 8.92 28.05
N GLU A 75 1.79 8.93 26.73
CA GLU A 75 1.50 7.72 25.99
C GLU A 75 2.74 6.93 25.63
N HIS A 76 3.94 7.47 25.87
CA HIS A 76 5.19 6.80 25.53
C HIS A 76 5.18 5.35 26.00
N ALA A 77 5.49 4.45 25.08
CA ALA A 77 5.53 3.02 25.34
C ALA A 77 6.62 2.40 24.47
N ASP A 78 7.42 1.51 25.06
CA ASP A 78 8.45 0.82 24.28
C ASP A 78 7.83 -0.10 23.26
N GLY A 79 6.59 -0.54 23.50
CA GLY A 79 6.00 -1.58 22.69
C GLY A 79 6.48 -2.94 23.13
N ASP A 80 5.88 -3.96 22.51
CA ASP A 80 6.34 -5.33 22.68
C ASP A 80 7.41 -5.59 21.65
N GLN A 81 8.64 -5.88 22.12
CA GLN A 81 9.73 -6.13 21.20
C GLN A 81 9.63 -7.48 20.52
N ASN A 82 8.62 -8.29 20.84
CA ASN A 82 8.41 -9.56 20.15
C ASN A 82 7.09 -9.61 19.38
N LEU A 83 6.42 -8.47 19.18
CA LEU A 83 5.27 -8.38 18.29
C LEU A 83 5.50 -7.23 17.31
N PHE A 84 5.19 -7.47 16.04
CA PHE A 84 5.62 -6.58 14.96
C PHE A 84 4.50 -6.24 13.99
N ASP A 85 4.48 -4.99 13.52
CA ASP A 85 3.55 -4.55 12.49
C ASP A 85 4.26 -4.50 11.14
N TYR A 86 3.50 -4.75 10.08
CA TYR A 86 4.06 -4.87 8.73
C TYR A 86 3.36 -3.94 7.76
N GLN A 87 4.05 -2.89 7.32
CA GLN A 87 3.54 -2.01 6.28
C GLN A 87 4.34 -2.25 5.02
N PHE A 88 3.65 -2.42 3.89
CA PHE A 88 4.37 -2.52 2.63
C PHE A 88 3.70 -1.65 1.57
N THR A 89 4.54 -1.13 0.68
CA THR A 89 4.17 -0.25 -0.43
C THR A 89 4.87 -0.80 -1.65
N GLY A 90 4.16 -1.62 -2.42
CA GLY A 90 4.81 -2.35 -3.50
C GLY A 90 5.37 -3.66 -3.01
N THR A 91 5.98 -4.38 -3.95
CA THR A 91 6.33 -5.76 -3.70
C THR A 91 7.47 -6.13 -4.64
N PRO A 92 8.33 -7.09 -4.27
CA PRO A 92 9.31 -7.60 -5.26
C PRO A 92 8.66 -8.28 -6.45
N GLU A 93 7.55 -9.00 -6.23
CA GLU A 93 6.75 -9.53 -7.34
C GLU A 93 6.04 -8.42 -8.09
N GLU A 94 5.47 -7.46 -7.37
CA GLU A 94 4.75 -6.33 -7.98
C GLU A 94 5.28 -5.02 -7.40
N PRO A 95 6.39 -4.52 -7.92
CA PRO A 95 6.86 -3.21 -7.45
C PRO A 95 5.95 -2.12 -7.98
N ILE A 96 5.98 -0.97 -7.33
CA ILE A 96 5.30 0.23 -7.81
C ILE A 96 6.36 1.16 -8.38
N LYS A 97 6.21 1.49 -9.66
CA LYS A 97 7.19 2.23 -10.45
C LYS A 97 8.63 1.81 -10.14
N GLY A 98 8.87 0.49 -10.05
CA GLY A 98 10.18 -0.07 -9.79
C GLY A 98 10.58 -0.09 -8.32
N TYR A 99 9.82 0.54 -7.45
CA TYR A 99 10.09 0.58 -6.03
C TYR A 99 9.21 -0.40 -5.29
N TRP A 100 9.75 -0.94 -4.21
CA TRP A 100 8.94 -1.53 -3.16
C TRP A 100 9.51 -1.15 -1.81
N THR A 101 8.63 -0.85 -0.87
CA THR A 101 9.00 -0.37 0.45
C THR A 101 8.31 -1.25 1.48
N THR A 102 9.02 -1.56 2.55
CA THR A 102 8.52 -2.31 3.69
C THR A 102 8.92 -1.58 4.95
N THR A 103 8.01 -1.50 5.90
CA THR A 103 8.33 -0.98 7.22
C THR A 103 7.90 -2.01 8.25
N ILE A 104 8.80 -2.39 9.13
CA ILE A 104 8.49 -3.27 10.26
C ILE A 104 8.77 -2.50 11.54
N SER A 105 7.85 -2.60 12.49
CA SER A 105 7.93 -1.77 13.68
C SER A 105 7.47 -2.59 14.88
N TYR A 106 7.93 -2.17 16.06
CA TYR A 106 7.49 -2.78 17.31
C TYR A 106 6.01 -2.47 17.53
N ARG A 107 5.21 -3.52 17.70
CA ARG A 107 3.79 -3.36 17.98
C ARG A 107 3.57 -2.52 19.22
N ASP A 108 2.69 -1.53 19.10
CA ASP A 108 2.28 -0.66 20.20
C ASP A 108 3.41 0.23 20.72
N SER A 109 4.48 0.42 19.96
CA SER A 109 5.50 1.38 20.35
C SER A 109 5.01 2.79 20.05
N LYS A 110 5.20 3.71 21.00
CA LYS A 110 4.86 5.13 20.80
C LYS A 110 5.90 5.96 21.54
N PRO A 111 6.66 6.84 20.82
CA PRO A 111 6.75 6.98 19.36
C PRO A 111 7.05 5.66 18.65
N LYS A 112 6.63 5.50 17.40
CA LYS A 112 6.82 4.23 16.73
C LYS A 112 8.30 3.98 16.42
N ILE A 113 8.80 2.80 16.79
CA ILE A 113 10.17 2.39 16.49
C ILE A 113 10.10 1.44 15.30
N SER A 114 10.58 1.90 14.14
CA SER A 114 10.45 1.13 12.91
C SER A 114 11.75 1.15 12.13
N LEU A 115 11.89 0.14 11.27
CA LEU A 115 12.93 0.10 10.24
C LEU A 115 12.24 0.07 8.89
N THR A 116 12.48 1.09 8.08
CA THR A 116 11.92 1.21 6.74
C THR A 116 13.01 0.97 5.72
N ILE A 117 12.80 -0.02 4.87
CA ILE A 117 13.71 -0.36 3.78
C ILE A 117 12.95 -0.08 2.49
N ARG A 118 13.42 0.90 1.72
CA ARG A 118 12.91 1.18 0.39
C ARG A 118 13.92 0.66 -0.63
N GLN A 119 13.42 -0.11 -1.61
CA GLN A 119 14.27 -0.82 -2.54
C GLN A 119 13.80 -0.63 -3.96
N GLU A 120 14.75 -0.65 -4.90
CA GLU A 120 14.49 -0.45 -6.31
C GLU A 120 15.28 -1.47 -7.11
N PHE A 121 14.72 -1.88 -8.25
CA PHE A 121 15.45 -2.67 -9.22
C PHE A 121 16.09 -1.68 -10.20
N VAL A 122 17.41 -1.65 -10.24
CA VAL A 122 18.09 -0.66 -11.06
C VAL A 122 18.87 -1.44 -12.11
N GLU A 123 19.71 -0.77 -12.90
CA GLU A 123 20.48 -1.53 -13.87
C GLU A 123 21.40 -2.50 -13.13
N GLY A 124 21.08 -3.79 -13.24
CA GLY A 124 21.90 -4.86 -12.73
C GLY A 124 21.55 -5.48 -11.39
N GLY A 125 21.21 -4.67 -10.40
CA GLY A 125 20.97 -5.18 -9.06
C GLY A 125 19.90 -4.42 -8.30
N VAL A 126 20.08 -4.25 -6.99
CA VAL A 126 19.07 -3.64 -6.13
C VAL A 126 19.73 -2.56 -5.27
N GLU A 127 19.21 -1.33 -5.38
CA GLU A 127 19.55 -0.26 -4.46
C GLU A 127 18.56 -0.21 -3.30
N SER A 128 19.09 -0.22 -2.07
CA SER A 128 18.27 -0.12 -0.87
C SER A 128 18.57 1.18 -0.15
N GLN A 129 17.56 1.72 0.52
CA GLN A 129 17.72 2.80 1.49
C GLN A 129 16.95 2.41 2.73
N ALA A 130 17.64 2.36 3.87
CA ALA A 130 17.00 2.06 5.14
C ALA A 130 16.91 3.32 5.98
N VAL A 131 15.83 3.44 6.74
CA VAL A 131 15.67 4.49 7.74
C VAL A 131 15.22 3.81 9.03
N LEU A 132 15.85 4.15 10.14
CA LEU A 132 15.38 3.72 11.46
C LEU A 132 14.79 4.93 12.16
N ALA A 133 13.48 4.97 12.25
CA ALA A 133 12.77 5.97 13.04
C ALA A 133 12.64 5.41 14.44
N THR A 134 13.13 6.14 15.43
CA THR A 134 13.21 5.56 16.77
C THR A 134 13.18 6.71 17.78
N VAL A 135 13.61 6.40 19.01
CA VAL A 135 13.58 7.34 20.13
C VAL A 135 15.00 7.59 20.60
N VAL A 136 15.28 8.83 20.98
CA VAL A 136 16.50 9.17 21.71
C VAL A 136 16.74 8.12 22.78
N GLY A 137 17.98 7.65 22.92
CA GLY A 137 18.37 6.74 23.98
C GLY A 137 18.26 5.25 23.69
N ARG A 138 17.60 4.85 22.60
CA ARG A 138 17.41 3.43 22.32
C ARG A 138 18.75 2.75 22.02
N PRO A 139 18.78 1.42 22.03
CA PRO A 139 19.98 0.70 21.54
C PRO A 139 19.92 0.57 20.02
N HIS A 140 20.39 1.60 19.32
CA HIS A 140 20.07 1.73 17.91
C HIS A 140 20.53 0.51 17.10
N LEU A 141 21.80 0.14 17.23
CA LEU A 141 22.31 -1.02 16.51
C LEU A 141 21.50 -2.27 16.83
N GLN A 142 21.23 -2.50 18.11
CA GLN A 142 20.52 -3.71 18.49
C GLN A 142 19.09 -3.70 17.96
N ASP A 143 18.42 -2.53 17.99
CA ASP A 143 17.09 -2.43 17.38
C ASP A 143 17.17 -2.67 15.87
N PHE A 144 18.18 -2.09 15.21
CA PHE A 144 18.37 -2.33 13.77
C PHE A 144 18.48 -3.82 13.46
N LEU A 145 19.30 -4.53 14.25
CA LEU A 145 19.57 -5.94 13.95
C LEU A 145 18.32 -6.79 14.15
N LEU A 146 17.53 -6.50 15.18
CA LEU A 146 16.25 -7.16 15.34
C LEU A 146 15.35 -6.87 14.14
N LEU A 147 15.14 -5.60 13.82
CA LEU A 147 14.19 -5.28 12.76
C LEU A 147 14.68 -5.78 11.40
N LYS A 148 16.00 -5.85 11.20
CA LYS A 148 16.54 -6.40 9.97
C LYS A 148 16.32 -7.91 9.86
N ARG A 149 16.48 -8.63 10.96
CA ARG A 149 16.12 -10.05 10.97
C ARG A 149 14.67 -10.23 10.55
N LYS A 150 13.74 -9.57 11.24
CA LYS A 150 12.33 -9.65 10.85
C LYS A 150 12.13 -9.27 9.39
N HIS A 151 12.92 -8.32 8.87
CA HIS A 151 12.82 -7.99 7.45
C HIS A 151 13.35 -9.12 6.58
N LEU A 152 14.33 -9.89 7.08
CA LEU A 152 14.85 -11.01 6.30
C LEU A 152 13.85 -12.16 6.27
N GLU A 153 13.20 -12.42 7.40
CA GLU A 153 12.21 -13.49 7.48
C GLU A 153 10.96 -13.16 6.66
N TYR A 154 10.64 -11.86 6.51
CA TYR A 154 9.42 -11.40 5.83
C TYR A 154 9.58 -11.26 4.33
N SER A 155 10.81 -11.14 3.85
CA SER A 155 11.09 -10.68 2.50
C SER A 155 11.02 -11.82 1.50
N ASP A 156 10.39 -11.55 0.36
CA ASP A 156 10.43 -12.44 -0.79
C ASP A 156 11.79 -12.39 -1.52
N TYR A 157 12.75 -11.71 -0.90
CA TYR A 157 14.07 -11.48 -1.49
C TYR A 157 15.06 -11.07 -0.39
N PRO A 158 15.36 -11.94 0.57
CA PRO A 158 16.29 -11.56 1.65
C PRO A 158 17.71 -11.29 1.18
N GLU A 159 18.08 -11.71 -0.04
CA GLU A 159 19.43 -11.46 -0.52
C GLU A 159 19.73 -9.98 -0.54
N SER A 160 18.78 -9.16 -0.97
CA SER A 160 19.04 -7.73 -1.08
C SER A 160 19.06 -7.04 0.28
N ILE A 161 18.50 -7.66 1.32
CA ILE A 161 18.46 -7.08 2.65
C ILE A 161 19.71 -7.41 3.45
N ASP A 162 20.24 -8.62 3.25
CA ASP A 162 21.36 -9.10 4.05
C ASP A 162 22.57 -8.20 3.97
N LEU A 163 22.74 -7.48 2.85
CA LEU A 163 23.92 -6.67 2.67
C LEU A 163 23.83 -5.30 3.31
N ILE A 164 22.63 -4.87 3.73
CA ILE A 164 22.46 -3.55 4.34
C ILE A 164 23.09 -3.56 5.73
N GLU A 165 24.09 -2.72 5.93
CA GLU A 165 24.81 -2.62 7.20
C GLU A 165 24.27 -1.47 8.04
N PHE A 166 24.46 -1.56 9.35
CA PHE A 166 23.98 -0.50 10.21
C PHE A 166 24.61 0.84 9.91
N GLY A 167 25.83 0.86 9.38
CA GLY A 167 26.40 2.11 8.93
C GLY A 167 25.70 2.71 7.73
N ASP A 168 24.88 1.92 7.02
CA ASP A 168 24.15 2.41 5.87
C ASP A 168 22.83 3.09 6.23
N VAL A 169 22.41 3.06 7.49
CA VAL A 169 21.03 3.36 7.88
C VAL A 169 20.93 4.78 8.44
N LYS A 170 19.98 5.56 7.92
CA LYS A 170 19.67 6.85 8.50
C LYS A 170 18.81 6.65 9.74
N VAL A 171 19.16 7.36 10.81
CA VAL A 171 18.47 7.34 12.09
C VAL A 171 17.74 8.66 12.27
N ILE A 172 16.46 8.59 12.62
CA ILE A 172 15.71 9.74 13.13
C ILE A 172 15.29 9.40 14.56
N GLU A 173 15.63 10.24 15.50
CA GLU A 173 15.24 10.06 16.89
C GLU A 173 14.20 11.11 17.24
N LYS A 174 13.02 10.66 17.67
CA LYS A 174 12.04 11.55 18.27
C LYS A 174 12.30 11.61 19.77
N THR A 175 11.95 12.75 20.37
CA THR A 175 12.00 12.90 21.82
C THR A 175 10.64 12.57 22.44
N VAL A 176 10.67 12.13 23.69
CA VAL A 176 9.49 11.88 24.52
C VAL A 176 9.21 13.15 25.31
N GLY A 177 7.94 13.40 25.59
CA GLY A 177 7.58 14.58 26.34
C GLY A 177 7.85 14.43 27.83
N HIS A 178 7.90 15.57 28.51
CA HIS A 178 8.20 15.63 29.93
C HIS A 178 6.95 15.83 30.79
N GLY A 179 5.77 15.56 30.26
CA GLY A 179 4.54 15.84 30.98
C GLY A 179 4.03 17.24 30.81
N GLN A 180 4.53 17.97 29.81
CA GLN A 180 4.01 19.29 29.50
C GLN A 180 2.52 19.23 29.19
N PRO A 181 1.76 20.26 29.56
CA PRO A 181 0.40 20.39 29.05
C PRO A 181 0.43 20.84 27.60
N VAL A 182 -0.67 20.58 26.88
CA VAL A 182 -0.70 20.81 25.44
C VAL A 182 -1.90 21.65 25.02
N VAL A 183 -1.69 22.41 23.94
CA VAL A 183 -2.75 23.08 23.21
C VAL A 183 -3.04 22.30 21.95
N LEU A 184 -4.32 22.15 21.64
CA LEU A 184 -4.76 21.55 20.40
C LEU A 184 -5.22 22.66 19.47
N TYR A 185 -4.56 22.78 18.34
CA TYR A 185 -4.97 23.73 17.32
C TYR A 185 -4.64 23.07 15.99
N MET A 186 -5.57 23.18 15.03
CA MET A 186 -5.43 22.55 13.71
C MET A 186 -5.00 21.09 13.82
N ALA A 187 -5.72 20.33 14.64
CA ALA A 187 -5.55 18.89 14.75
C ALA A 187 -4.16 18.49 15.26
N SER A 188 -3.43 19.42 15.88
CA SER A 188 -2.05 19.18 16.32
C SER A 188 -1.86 19.61 17.75
N LEU A 189 -1.08 18.83 18.50
CA LEU A 189 -0.75 19.19 19.88
C LEU A 189 0.46 20.12 19.87
N PHE A 190 0.36 21.23 20.61
CA PHE A 190 1.45 22.17 20.85
C PHE A 190 1.81 22.06 22.32
N PRO A 191 2.83 21.30 22.70
CA PRO A 191 3.20 21.21 24.11
C PRO A 191 3.79 22.52 24.59
N ILE A 192 3.42 22.91 25.81
CA ILE A 192 3.85 24.17 26.39
C ILE A 192 5.19 23.96 27.08
N GLY A 193 6.22 24.63 26.61
CA GLY A 193 6.18 25.41 25.40
C GLY A 193 7.40 24.99 24.62
N LEU A 194 7.37 23.79 24.07
CA LEU A 194 8.34 23.39 23.08
C LEU A 194 8.13 24.19 21.80
N THR A 195 8.98 23.96 20.80
CA THR A 195 8.79 24.62 19.52
C THR A 195 8.11 23.72 18.49
N LYS A 196 8.05 22.43 18.75
CA LYS A 196 7.51 21.47 17.80
C LYS A 196 6.03 21.20 18.08
N ILE A 197 5.39 20.52 17.13
CA ILE A 197 4.01 20.11 17.28
C ILE A 197 3.96 18.59 17.18
N ALA A 198 2.85 18.02 17.65
CA ALA A 198 2.57 16.59 17.52
C ALA A 198 1.26 16.46 16.75
N GLU A 199 1.34 16.17 15.45
CA GLU A 199 0.13 16.08 14.63
C GLU A 199 -0.74 14.94 15.12
N GLN A 200 -2.05 15.16 15.18
CA GLN A 200 -2.98 14.12 15.58
C GLN A 200 -3.75 13.61 14.37
N GLY A 201 -4.13 12.34 14.43
CA GLY A 201 -4.97 11.79 13.38
C GLY A 201 -6.29 12.53 13.29
N ILE A 202 -6.75 12.73 12.07
CA ILE A 202 -8.03 13.38 11.82
C ILE A 202 -9.03 12.28 11.47
N GLY A 203 -10.06 12.15 12.29
CA GLY A 203 -11.08 11.15 12.04
C GLY A 203 -12.11 11.68 11.06
N CYS A 204 -13.27 12.09 11.58
CA CYS A 204 -14.35 12.64 10.75
C CYS A 204 -14.72 11.68 9.62
N HIS A 205 -15.07 10.46 10.01
CA HIS A 205 -15.40 9.43 9.04
C HIS A 205 -16.87 9.37 8.67
N ASN A 206 -17.70 10.28 9.18
CA ASN A 206 -19.12 10.28 8.88
C ASN A 206 -19.46 11.50 8.01
N GLU A 207 -20.71 11.51 7.53
CA GLU A 207 -21.18 12.56 6.62
C GLU A 207 -21.04 13.93 7.25
N LYS A 208 -21.44 14.05 8.52
CA LYS A 208 -21.50 15.35 9.19
C LYS A 208 -20.12 15.92 9.44
N ASN A 209 -19.20 15.08 9.94
CA ASN A 209 -17.90 15.61 10.35
C ASN A 209 -16.95 15.75 9.18
N ASP A 210 -17.10 14.90 8.15
CA ASP A 210 -16.36 15.07 6.90
C ASP A 210 -16.70 16.38 6.21
N ALA A 211 -18.00 16.65 6.02
CA ALA A 211 -18.41 17.91 5.40
C ALA A 211 -17.97 19.11 6.23
N THR A 212 -18.07 19.01 7.55
CA THR A 212 -17.74 20.16 8.39
C THR A 212 -16.22 20.33 8.54
N LEU A 213 -15.47 19.22 8.55
CA LEU A 213 -14.01 19.33 8.46
C LEU A 213 -13.61 20.18 7.28
N LYS A 214 -14.26 19.96 6.13
CA LYS A 214 -13.88 20.67 4.92
C LYS A 214 -14.33 22.13 4.94
N SER A 215 -15.51 22.42 5.51
CA SER A 215 -15.96 23.81 5.54
CA SER A 215 -15.97 23.81 5.53
C SER A 215 -15.20 24.63 6.56
N LEU A 216 -14.80 24.01 7.68
CA LEU A 216 -14.05 24.75 8.68
C LEU A 216 -12.64 25.11 8.18
N LEU A 217 -11.94 24.15 7.57
CA LEU A 217 -10.61 24.48 7.05
C LEU A 217 -10.68 25.68 6.12
N LYS A 218 -11.65 25.69 5.22
CA LYS A 218 -11.80 26.82 4.29
C LYS A 218 -12.16 28.09 5.05
N THR A 219 -13.04 27.99 6.04
CA THR A 219 -13.37 29.13 6.89
C THR A 219 -12.13 29.65 7.62
N ALA A 220 -11.28 28.75 8.10
CA ALA A 220 -10.09 29.17 8.84
C ALA A 220 -9.20 30.06 7.98
N ILE A 221 -8.90 29.60 6.77
CA ILE A 221 -8.05 30.33 5.86
C ILE A 221 -8.75 31.60 5.40
N LEU A 222 -10.05 31.50 5.16
CA LEU A 222 -10.82 32.66 4.68
C LEU A 222 -10.74 33.81 5.67
N ASN A 223 -10.72 33.50 6.97
CA ASN A 223 -10.67 34.53 8.00
C ASN A 223 -9.23 34.95 8.37
N MET A 224 -8.24 34.66 7.52
CA MET A 224 -6.91 35.26 7.64
C MET A 224 -6.62 36.08 6.39
N THR A 225 -6.03 37.26 6.57
CA THR A 225 -5.48 37.97 5.41
C THR A 225 -4.11 37.41 5.08
N PRO A 226 -3.56 37.77 3.91
CA PRO A 226 -2.16 37.41 3.64
C PRO A 226 -1.17 37.91 4.68
N ASP A 227 -1.41 39.04 5.36
CA ASP A 227 -0.49 39.48 6.40
C ASP A 227 -0.58 38.60 7.64
N ASP A 228 -1.78 38.18 8.01
CA ASP A 228 -1.91 37.24 9.12
C ASP A 228 -1.07 36.00 8.89
N VAL A 229 -1.12 35.46 7.67
CA VAL A 229 -0.43 34.21 7.37
C VAL A 229 1.08 34.40 7.47
N SER A 230 1.60 35.51 6.94
CA SER A 230 3.04 35.79 7.03
C SER A 230 3.53 35.96 8.46
N LEU A 231 2.64 36.28 9.41
CA LEU A 231 2.98 36.38 10.83
C LEU A 231 2.81 35.07 11.58
N LEU A 232 2.48 33.99 10.90
CA LEU A 232 2.33 32.71 11.59
C LEU A 232 3.69 32.09 11.88
N PRO A 233 3.94 31.63 13.10
CA PRO A 233 5.13 30.84 13.36
C PRO A 233 5.12 29.56 12.53
N ARG A 234 6.31 28.96 12.42
CA ARG A 234 6.48 27.72 11.69
C ARG A 234 5.61 26.61 12.26
N SER A 235 5.50 26.54 13.58
CA SER A 235 4.77 25.45 14.20
C SER A 235 3.28 25.54 13.83
N LYS A 236 2.74 26.75 13.69
CA LYS A 236 1.34 26.93 13.33
C LYS A 236 1.15 26.72 11.84
N LEU A 237 2.12 27.14 11.04
CA LEU A 237 2.13 26.77 9.64
C LEU A 237 2.10 25.25 9.46
N ASP A 238 2.92 24.51 10.23
CA ASP A 238 2.96 23.06 10.07
C ASP A 238 1.64 22.41 10.48
N ALA A 239 0.96 22.99 11.48
CA ALA A 239 -0.35 22.48 11.88
C ALA A 239 -1.39 22.70 10.78
N ILE A 240 -1.43 23.90 10.23
CA ILE A 240 -2.36 24.16 9.14
C ILE A 240 -2.09 23.19 7.98
N ASP A 241 -0.81 23.02 7.65
CA ASP A 241 -0.33 22.03 6.67
C ASP A 241 -0.89 20.65 6.95
N HIS A 242 -0.97 20.27 8.22
CA HIS A 242 -1.49 18.95 8.57
C HIS A 242 -2.97 18.82 8.23
N VAL A 243 -3.75 19.90 8.42
CA VAL A 243 -5.16 19.84 8.09
C VAL A 243 -5.38 20.01 6.61
N VAL A 244 -4.62 20.88 5.96
CA VAL A 244 -4.72 21.04 4.51
C VAL A 244 -4.46 19.72 3.81
N ARG A 245 -3.34 19.06 4.12
CA ARG A 245 -3.01 17.85 3.37
C ARG A 245 -4.04 16.73 3.61
N ASN A 246 -4.53 16.56 4.84
CA ASN A 246 -5.59 15.54 5.04
C ASN A 246 -6.83 15.88 4.23
N VAL A 247 -7.24 17.15 4.21
CA VAL A 247 -8.47 17.51 3.51
C VAL A 247 -8.35 17.18 2.03
N TYR A 248 -7.21 17.49 1.42
CA TYR A 248 -7.09 17.23 -0.02
C TYR A 248 -6.95 15.75 -0.35
N LEU A 249 -6.56 14.90 0.61
CA LEU A 249 -6.58 13.47 0.33
C LEU A 249 -7.99 12.96 0.13
N ARG A 250 -9.00 13.73 0.53
CA ARG A 250 -10.38 13.29 0.50
C ARG A 250 -11.07 13.57 -0.83
N PHE A 251 -10.52 14.44 -1.65
CA PHE A 251 -11.15 14.82 -2.90
C PHE A 251 -10.46 14.12 -4.06
N ASN A 252 -11.22 13.85 -5.12
CA ASN A 252 -10.58 13.64 -6.41
C ASN A 252 -10.19 15.00 -6.95
N ASN A 253 -9.56 15.02 -8.13
CA ASN A 253 -9.00 16.28 -8.59
C ASN A 253 -10.09 17.30 -8.90
N SER A 254 -11.19 16.86 -9.52
CA SER A 254 -12.27 17.80 -9.83
C SER A 254 -12.86 18.39 -8.56
N SER A 255 -13.03 17.55 -7.54
CA SER A 255 -13.60 18.02 -6.28
C SER A 255 -12.63 18.95 -5.55
N ALA A 256 -11.33 18.60 -5.56
CA ALA A 256 -10.34 19.44 -4.89
C ALA A 256 -10.37 20.84 -5.47
N VAL A 257 -10.49 20.94 -6.79
CA VAL A 257 -10.53 22.24 -7.43
C VAL A 257 -11.82 22.98 -7.09
N SER A 258 -12.97 22.28 -7.10
CA SER A 258 -14.25 22.92 -6.82
C SER A 258 -14.27 23.51 -5.43
N TYR A 259 -13.67 22.78 -4.48
CA TYR A 259 -13.59 23.22 -3.10
C TYR A 259 -13.07 24.66 -3.03
N GLY A 260 -12.15 25.01 -3.94
CA GLY A 260 -11.73 26.37 -4.12
C GLY A 260 -10.86 26.96 -3.04
N LEU A 261 -10.50 26.20 -2.00
CA LEU A 261 -9.56 26.73 -1.01
C LEU A 261 -8.33 27.37 -1.65
N HIS A 262 -7.89 26.84 -2.80
CA HIS A 262 -6.67 27.31 -3.47
C HIS A 262 -6.85 28.65 -4.16
N LYS A 263 -8.06 29.19 -4.20
CA LYS A 263 -8.28 30.49 -4.84
C LYS A 263 -8.19 31.66 -3.86
N LEU A 264 -8.11 31.39 -2.56
CA LEU A 264 -8.05 32.46 -1.58
C LEU A 264 -6.65 33.08 -1.57
N GLN A 265 -6.60 34.41 -1.63
CA GLN A 265 -5.32 35.12 -1.64
C GLN A 265 -4.46 34.71 -0.47
N SER A 266 -5.05 34.52 0.70
CA SER A 266 -4.25 34.16 1.87
C SER A 266 -3.69 32.74 1.75
N PHE A 267 -4.37 31.87 1.01
CA PHE A 267 -3.85 30.52 0.79
C PHE A 267 -2.63 30.55 -0.11
N GLU A 268 -2.56 31.53 -1.02
CA GLU A 268 -1.35 31.69 -1.82
C GLU A 268 -0.14 31.95 -0.93
N LYS A 269 -0.36 32.57 0.24
CA LYS A 269 0.74 32.78 1.17
C LYS A 269 1.07 31.49 1.91
N ILE A 270 0.04 30.70 2.26
CA ILE A 270 0.25 29.34 2.74
C ILE A 270 1.06 28.54 1.73
N LEU A 271 0.77 28.72 0.45
CA LEU A 271 1.46 27.94 -0.57
C LEU A 271 2.95 28.28 -0.61
N GLN A 272 3.30 29.58 -0.61
CA GLN A 272 4.71 29.98 -0.60
C GLN A 272 5.47 29.44 0.59
N LEU A 273 4.81 29.30 1.73
CA LEU A 273 5.48 28.94 2.98
C LEU A 273 5.45 27.44 3.27
N ASN A 274 4.47 26.71 2.71
CA ASN A 274 4.30 25.29 3.00
C ASN A 274 4.58 24.37 1.82
N GLY A 275 4.52 24.89 0.61
CA GLY A 275 4.67 24.06 -0.55
C GLY A 275 3.44 24.13 -1.43
N ARG A 276 3.63 23.83 -2.72
CA ARG A 276 2.58 23.91 -3.70
C ARG A 276 2.04 22.54 -4.11
N ILE A 277 2.72 21.47 -3.70
CA ILE A 277 2.45 20.13 -4.19
C ILE A 277 1.54 19.44 -3.20
N TYR A 278 0.36 19.05 -3.65
CA TYR A 278 -0.64 18.45 -2.77
C TYR A 278 -1.14 17.16 -3.40
N GLU A 279 -1.14 16.11 -2.59
CA GLU A 279 -1.69 14.83 -3.02
C GLU A 279 -3.18 14.80 -2.77
N THR A 280 -3.92 14.39 -3.79
CA THR A 280 -5.34 14.15 -3.63
C THR A 280 -5.61 12.66 -3.70
N LYS A 281 -6.90 12.30 -3.72
CA LYS A 281 -7.25 10.89 -3.86
C LYS A 281 -6.88 10.37 -5.25
N GLU A 282 -6.81 11.25 -6.24
CA GLU A 282 -6.66 10.87 -7.64
C GLU A 282 -5.23 11.03 -8.14
N SER A 283 -4.68 12.25 -8.09
CA SER A 283 -3.30 12.47 -8.52
C SER A 283 -2.49 13.23 -7.47
N THR A 284 -1.45 13.87 -7.95
CA THR A 284 -0.79 14.93 -7.22
C THR A 284 -1.13 16.22 -7.94
N LEU A 285 -1.51 17.25 -7.20
CA LEU A 285 -1.75 18.55 -7.79
C LEU A 285 -0.68 19.55 -7.35
N VAL A 286 -0.37 20.48 -8.24
CA VAL A 286 0.48 21.62 -7.93
C VAL A 286 -0.35 22.88 -8.07
N PHE A 287 -0.48 23.62 -6.98
CA PHE A 287 -1.24 24.87 -7.00
C PHE A 287 -0.27 25.99 -7.34
N HIS A 288 -0.08 26.21 -8.63
CA HIS A 288 0.94 27.12 -9.08
C HIS A 288 0.41 28.54 -9.16
N HIS A 289 1.26 29.51 -8.82
CA HIS A 289 0.83 30.90 -8.74
C HIS A 289 0.72 31.55 -10.11
N LYS A 290 1.42 31.03 -11.13
CA LYS A 290 1.35 31.62 -12.46
C LYS A 290 0.46 30.81 -13.41
N LYS A 291 0.57 29.48 -13.38
CA LYS A 291 -0.07 28.60 -14.35
C LYS A 291 -1.40 28.03 -13.86
N GLY A 292 -1.77 28.28 -12.61
CA GLY A 292 -2.96 27.68 -12.05
C GLY A 292 -2.74 26.28 -11.50
N VAL A 293 -3.81 25.49 -11.49
CA VAL A 293 -3.77 24.12 -10.99
C VAL A 293 -3.08 23.25 -12.03
N LEU A 294 -2.04 22.55 -11.60
CA LEU A 294 -1.32 21.62 -12.45
C LEU A 294 -1.47 20.24 -11.86
N VAL A 295 -1.36 19.24 -12.72
CA VAL A 295 -1.60 17.85 -12.32
C VAL A 295 -0.40 17.05 -12.75
N GLU A 296 0.05 16.13 -11.89
CA GLU A 296 1.20 15.31 -12.25
C GLU A 296 0.95 14.59 -13.56
N ASP A 297 1.94 14.64 -14.46
CA ASP A 297 1.74 14.15 -15.81
C ASP A 297 3.11 13.77 -16.39
N LEU A 298 3.42 12.47 -16.38
CA LEU A 298 4.71 12.01 -16.90
C LEU A 298 4.96 12.54 -18.30
N LYS A 299 3.90 12.80 -19.07
CA LYS A 299 4.02 13.32 -20.42
C LYS A 299 3.73 14.81 -20.50
N GLY A 300 3.85 15.53 -19.36
CA GLY A 300 3.60 16.96 -19.37
C GLY A 300 4.76 17.75 -19.94
N LEU A 301 4.46 18.96 -20.41
CA LEU A 301 5.50 19.82 -20.99
C LEU A 301 5.96 20.92 -20.04
N MET A 302 5.65 20.80 -18.74
CA MET A 302 6.14 21.69 -17.71
C MET A 302 6.70 20.85 -16.58
N SER A 303 7.56 21.46 -15.77
CA SER A 303 8.12 20.79 -14.60
CA SER A 303 8.10 20.78 -14.59
C SER A 303 8.10 21.75 -13.42
N TYR A 304 7.59 21.29 -12.27
CA TYR A 304 7.61 22.03 -11.02
C TYR A 304 8.54 21.26 -10.07
N LYS A 305 9.68 21.85 -9.73
CA LYS A 305 10.66 21.22 -8.84
C LYS A 305 10.96 19.78 -9.28
N THR A 306 11.19 19.61 -10.58
CA THR A 306 11.39 18.33 -11.28
C THR A 306 10.13 17.47 -11.43
N LEU A 307 8.99 17.90 -10.89
CA LEU A 307 7.77 17.11 -11.08
C LEU A 307 7.14 17.43 -12.43
N ARG A 308 7.17 16.46 -13.34
CA ARG A 308 6.50 16.63 -14.62
C ARG A 308 5.00 16.78 -14.41
N VAL A 309 4.43 17.86 -14.97
CA VAL A 309 3.02 18.21 -14.78
C VAL A 309 2.45 18.77 -16.07
N SER A 310 1.13 18.75 -16.19
CA SER A 310 0.44 19.54 -17.20
C SER A 310 -0.71 20.29 -16.53
N GLU A 311 -1.29 21.24 -17.27
CA GLU A 311 -2.40 22.00 -16.72
C GLU A 311 -3.60 21.09 -16.50
N TRP A 312 -4.14 21.11 -15.28
CA TRP A 312 -5.33 20.33 -15.00
C TRP A 312 -6.54 20.93 -15.70
N ARG A 313 -7.40 20.05 -16.23
CA ARG A 313 -8.51 20.44 -17.09
C ARG A 313 -9.79 19.71 -16.66
N GLU A 314 -10.82 20.48 -16.37
CA GLU A 314 -12.12 19.89 -16.02
C GLU A 314 -12.73 19.18 -17.23
N LYS A 315 -13.36 18.03 -16.97
CA LYS A 315 -14.08 17.32 -18.02
C LYS A 315 -15.22 18.18 -18.55
N GLN A 316 -15.23 18.39 -19.86
CA GLN A 316 -16.29 19.13 -20.53
C GLN A 316 -16.93 18.18 -21.53
N GLU A 317 -18.25 17.95 -21.37
CA GLU A 317 -18.98 17.00 -22.22
C GLU A 317 -18.63 17.15 -23.70
N PRO A 318 -18.55 18.37 -24.25
CA PRO A 318 -18.19 18.49 -25.67
C PRO A 318 -16.80 17.95 -26.00
N GLU A 319 -15.85 18.09 -25.08
CA GLU A 319 -14.52 17.53 -25.32
C GLU A 319 -14.55 16.02 -25.18
N GLU A 320 -15.11 15.52 -24.06
CA GLU A 320 -15.33 14.09 -23.88
C GLU A 320 -16.06 13.46 -25.05
N ALA A 321 -16.92 14.21 -25.75
CA ALA A 321 -17.59 13.64 -26.91
C ALA A 321 -16.60 13.35 -28.03
N ARG A 322 -15.50 14.09 -28.11
CA ARG A 322 -14.54 13.93 -29.19
C ARG A 322 -13.47 12.88 -28.88
N VAL A 323 -13.42 12.39 -27.64
CA VAL A 323 -12.44 11.36 -27.31
C VAL A 323 -12.75 10.11 -28.13
N GLU A 324 -11.75 9.64 -28.87
CA GLU A 324 -11.93 8.47 -29.71
C GLU A 324 -11.97 7.23 -28.84
N VAL A 325 -13.17 6.68 -28.66
CA VAL A 325 -13.32 5.40 -27.98
C VAL A 325 -12.78 4.30 -28.88
N LEU A 326 -11.77 3.59 -28.39
CA LEU A 326 -11.15 2.52 -29.16
C LEU A 326 -11.90 1.20 -29.00
N GLU A 327 -11.84 0.38 -30.04
CA GLU A 327 -12.39 -0.96 -29.99
C GLU A 327 -11.59 -1.85 -29.04
N GLU A 328 -12.29 -2.75 -28.37
CA GLU A 328 -11.61 -3.60 -27.40
C GLU A 328 -10.89 -4.76 -28.09
N PRO B 2 26.53 -19.25 -0.72
CA PRO B 2 25.10 -19.49 -0.98
C PRO B 2 24.48 -20.41 0.07
N THR B 3 23.73 -19.87 1.02
CA THR B 3 23.23 -20.67 2.14
C THR B 3 22.23 -21.71 1.65
N ALA B 4 21.63 -22.44 2.59
CA ALA B 4 20.64 -23.44 2.25
C ALA B 4 19.36 -22.79 1.75
N VAL B 5 18.96 -21.67 2.36
CA VAL B 5 17.78 -20.95 1.91
C VAL B 5 18.01 -20.40 0.51
N GLN B 6 19.13 -19.69 0.32
CA GLN B 6 19.42 -19.09 -0.97
C GLN B 6 19.50 -20.15 -2.06
N GLU B 7 20.06 -21.32 -1.75
CA GLU B 7 20.02 -22.41 -2.72
C GLU B 7 18.59 -22.88 -2.96
N LEU B 8 17.79 -22.99 -1.88
CA LEU B 8 16.38 -23.34 -2.05
C LEU B 8 15.66 -22.31 -2.93
N ASN B 9 15.87 -21.02 -2.64
CA ASN B 9 15.37 -19.96 -3.51
C ASN B 9 15.79 -20.17 -4.96
N ARG B 10 17.05 -20.56 -5.19
CA ARG B 10 17.53 -20.67 -6.56
C ARG B 10 16.97 -21.89 -7.28
N ILE B 11 16.70 -22.96 -6.55
CA ILE B 11 16.09 -24.12 -7.19
C ILE B 11 14.63 -23.82 -7.55
N CYS B 12 13.94 -23.12 -6.65
CA CYS B 12 12.58 -22.67 -6.95
C CYS B 12 12.57 -21.77 -8.19
N ASP B 13 13.58 -20.90 -8.33
CA ASP B 13 13.71 -20.12 -9.55
C ASP B 13 13.78 -21.02 -10.77
N GLY B 14 14.61 -22.07 -10.70
CA GLY B 14 14.79 -22.96 -11.83
C GLY B 14 13.54 -23.76 -12.18
N MET B 15 12.73 -24.09 -11.18
CA MET B 15 11.46 -24.75 -11.47
C MET B 15 10.48 -23.79 -12.14
N ILE B 16 10.43 -22.55 -11.67
CA ILE B 16 9.54 -21.57 -12.29
C ILE B 16 9.96 -21.35 -13.73
N LEU B 17 11.26 -21.25 -13.98
CA LEU B 17 11.76 -21.03 -15.33
C LEU B 17 11.46 -22.22 -16.23
N SER B 18 11.56 -23.44 -15.69
CA SER B 18 11.27 -24.62 -16.50
C SER B 18 9.77 -24.76 -16.77
N SER B 19 8.93 -24.14 -15.94
CA SER B 19 7.49 -24.13 -16.13
C SER B 19 7.06 -23.23 -17.28
N ILE B 20 7.94 -22.37 -17.78
CA ILE B 20 7.52 -21.41 -18.80
C ILE B 20 7.34 -22.10 -20.16
N LEU B 21 8.32 -22.93 -20.55
CA LEU B 21 8.26 -23.54 -21.89
C LEU B 21 7.25 -24.69 -21.97
N ARG B 22 6.99 -25.39 -20.85
CA ARG B 22 6.09 -26.52 -20.92
C ARG B 22 5.58 -26.86 -19.52
N PRO B 23 4.40 -27.46 -19.41
CA PRO B 23 3.91 -27.88 -18.09
C PRO B 23 4.76 -29.00 -17.55
N GLN B 24 4.93 -29.00 -16.23
CA GLN B 24 5.71 -30.04 -15.57
C GLN B 24 5.05 -30.41 -14.26
N MET B 25 4.89 -31.70 -14.03
CA MET B 25 4.39 -32.17 -12.75
C MET B 25 5.41 -31.90 -11.66
N VAL B 26 4.94 -31.34 -10.54
CA VAL B 26 5.81 -31.13 -9.40
C VAL B 26 6.07 -32.48 -8.74
N GLU B 27 7.21 -33.11 -9.10
CA GLU B 27 7.67 -34.40 -8.58
C GLU B 27 9.20 -34.40 -8.57
N PRO B 28 9.86 -35.38 -7.93
CA PRO B 28 11.32 -35.23 -7.69
C PRO B 28 12.15 -35.12 -8.95
N SER B 29 11.80 -35.83 -10.03
CA SER B 29 12.59 -35.73 -11.26
C SER B 29 12.79 -34.26 -11.64
N LEU B 30 11.71 -33.48 -11.65
CA LEU B 30 11.81 -32.04 -11.91
C LEU B 30 12.91 -31.36 -11.11
N ILE B 31 12.92 -31.55 -9.78
CA ILE B 31 13.98 -30.94 -8.97
C ILE B 31 15.33 -31.48 -9.41
N GLY B 32 15.40 -32.78 -9.74
CA GLY B 32 16.65 -33.36 -10.19
C GLY B 32 17.22 -32.69 -11.42
N ASP B 33 16.38 -32.43 -12.43
CA ASP B 33 16.88 -31.73 -13.61
C ASP B 33 17.37 -30.33 -13.26
N VAL B 34 16.72 -29.66 -12.31
CA VAL B 34 17.16 -28.32 -11.92
C VAL B 34 18.53 -28.39 -11.25
N LEU B 35 18.76 -29.42 -10.45
CA LEU B 35 20.01 -29.57 -9.73
C LEU B 35 21.19 -29.78 -10.66
N LYS B 36 20.94 -30.20 -11.91
CA LYS B 36 22.00 -30.44 -12.88
C LYS B 36 22.82 -29.17 -13.12
N THR B 37 22.21 -28.15 -13.71
CA THR B 37 22.95 -26.92 -13.97
C THR B 37 23.13 -26.08 -12.72
N GLU B 38 22.58 -26.53 -11.60
CA GLU B 38 22.51 -25.69 -10.41
C GLU B 38 22.38 -26.57 -9.17
N PRO B 39 23.48 -27.09 -8.65
CA PRO B 39 23.42 -28.10 -7.59
C PRO B 39 23.16 -27.48 -6.22
N PHE B 40 22.87 -28.36 -5.26
CA PHE B 40 22.75 -28.00 -3.85
C PHE B 40 24.10 -28.29 -3.19
N THR B 41 24.79 -27.22 -2.76
CA THR B 41 26.16 -27.36 -2.27
C THR B 41 26.26 -27.36 -0.75
N SER B 42 25.27 -26.83 -0.04
CA SER B 42 25.25 -26.98 1.41
C SER B 42 24.89 -28.42 1.77
N SER B 43 25.03 -28.73 3.06
CA SER B 43 24.83 -30.09 3.55
C SER B 43 23.36 -30.40 3.76
N LEU B 44 22.98 -31.65 3.51
CA LEU B 44 21.61 -32.10 3.78
C LEU B 44 21.26 -31.97 5.25
N GLU B 45 22.26 -32.04 6.13
CA GLU B 45 22.01 -31.88 7.56
C GLU B 45 21.55 -30.47 7.89
N VAL B 46 22.14 -29.46 7.24
CA VAL B 46 21.67 -28.09 7.39
C VAL B 46 20.20 -28.00 7.00
N LEU B 47 19.85 -28.61 5.87
CA LEU B 47 18.49 -28.51 5.35
C LEU B 47 17.47 -29.06 6.35
N LYS B 48 17.84 -30.13 7.06
CA LYS B 48 16.95 -30.72 8.06
C LYS B 48 16.59 -29.77 9.19
N ASP B 49 17.30 -28.64 9.31
CA ASP B 49 17.00 -27.68 10.36
C ASP B 49 15.93 -26.69 9.93
N ILE B 50 16.19 -25.94 8.85
CA ILE B 50 15.38 -24.78 8.51
C ILE B 50 14.00 -25.21 8.03
N LYS B 51 12.98 -24.42 8.35
CA LYS B 51 11.61 -24.71 7.96
C LYS B 51 11.13 -23.64 6.98
N VAL B 52 10.68 -24.08 5.81
CA VAL B 52 10.13 -23.22 4.77
C VAL B 52 8.81 -23.85 4.32
N SER B 53 8.13 -23.15 3.41
CA SER B 53 6.81 -23.57 2.97
C SER B 53 6.74 -23.57 1.45
N GLY B 54 5.57 -23.92 0.94
CA GLY B 54 5.32 -23.92 -0.49
C GLY B 54 6.22 -24.89 -1.23
N LEU B 55 6.56 -24.51 -2.45
CA LEU B 55 7.41 -25.35 -3.30
C LEU B 55 8.84 -25.44 -2.77
N MET B 56 9.30 -24.46 -1.98
CA MET B 56 10.65 -24.55 -1.44
C MET B 56 10.76 -25.63 -0.38
N ARG B 57 9.64 -25.89 0.31
CA ARG B 57 9.59 -27.03 1.22
C ARG B 57 9.59 -28.34 0.45
N TYR B 58 8.89 -28.39 -0.68
CA TYR B 58 8.92 -29.63 -1.44
C TYR B 58 10.29 -29.85 -2.05
N ILE B 59 11.00 -28.77 -2.39
CA ILE B 59 12.39 -28.91 -2.81
C ILE B 59 13.22 -29.51 -1.69
N LYS B 60 13.07 -28.96 -0.48
CA LYS B 60 13.75 -29.48 0.70
C LYS B 60 13.48 -30.97 0.91
N GLN B 61 12.22 -31.39 0.76
CA GLN B 61 11.88 -32.79 1.03
C GLN B 61 12.43 -33.71 -0.05
N VAL B 62 12.52 -33.23 -1.29
CA VAL B 62 13.13 -34.05 -2.34
C VAL B 62 14.63 -34.16 -2.13
N LEU B 63 15.29 -33.04 -1.76
CA LEU B 63 16.69 -33.09 -1.35
C LEU B 63 16.90 -34.07 -0.20
N LEU B 64 15.91 -34.21 0.67
CA LEU B 64 15.98 -35.16 1.78
C LEU B 64 15.42 -36.54 1.42
N GLY B 65 15.23 -36.83 0.13
CA GLY B 65 14.95 -38.18 -0.33
C GLY B 65 13.51 -38.50 -0.71
N ARG B 66 12.58 -37.55 -0.65
CA ARG B 66 11.19 -37.87 -0.95
C ARG B 66 11.06 -38.28 -2.42
N LYS B 67 10.46 -39.45 -2.66
CA LYS B 67 10.23 -39.97 -4.00
C LYS B 67 8.83 -39.70 -4.55
N SER B 68 7.90 -39.24 -3.72
CA SER B 68 6.54 -39.01 -4.18
C SER B 68 6.37 -37.58 -4.71
N TYR B 69 5.37 -37.42 -5.57
CA TYR B 69 5.09 -36.10 -6.15
C TYR B 69 4.39 -35.20 -5.12
N TYR B 70 4.37 -33.89 -5.41
CA TYR B 70 3.70 -32.97 -4.51
C TYR B 70 2.18 -33.19 -4.58
N LYS B 71 1.53 -33.09 -3.43
CA LYS B 71 0.16 -33.52 -3.21
C LYS B 71 -0.67 -32.32 -2.79
N PHE B 72 -1.59 -31.89 -3.66
CA PHE B 72 -2.29 -30.62 -3.44
C PHE B 72 -3.16 -30.67 -2.19
N GLY B 73 -3.01 -29.64 -1.36
CA GLY B 73 -3.64 -29.60 -0.06
C GLY B 73 -2.80 -30.15 1.07
N GLU B 74 -1.57 -30.61 0.79
CA GLU B 74 -0.78 -31.23 1.85
C GLU B 74 -0.32 -30.23 2.91
N GLU B 75 -0.30 -28.94 2.57
CA GLU B 75 0.17 -27.92 3.50
C GLU B 75 -0.92 -27.41 4.45
N HIS B 76 -2.15 -27.92 4.32
CA HIS B 76 -3.29 -27.40 5.06
C HIS B 76 -2.99 -27.25 6.56
N ALA B 77 -3.43 -26.14 7.14
CA ALA B 77 -3.17 -25.89 8.55
C ALA B 77 -4.18 -24.87 9.05
N ASP B 78 -4.79 -25.15 10.21
CA ASP B 78 -5.81 -24.26 10.77
C ASP B 78 -5.21 -22.94 11.26
N GLY B 79 -3.96 -22.97 11.71
CA GLY B 79 -3.35 -21.81 12.29
C GLY B 79 -3.69 -21.66 13.76
N ASP B 80 -3.02 -20.71 14.40
CA ASP B 80 -3.23 -20.45 15.82
C ASP B 80 -4.36 -19.43 15.96
N GLN B 81 -5.43 -19.82 16.65
CA GLN B 81 -6.63 -19.01 16.72
C GLN B 81 -6.48 -17.79 17.62
N ASN B 82 -5.43 -17.72 18.44
CA ASN B 82 -5.17 -16.53 19.24
C ASN B 82 -3.81 -15.88 18.96
N LEU B 83 -3.14 -16.27 17.87
CA LEU B 83 -2.02 -15.49 17.35
C LEU B 83 -2.44 -14.92 16.01
N PHE B 84 -2.25 -13.62 15.84
CA PHE B 84 -2.72 -12.92 14.65
C PHE B 84 -1.57 -12.23 13.95
N ASP B 85 -1.63 -12.20 12.61
CA ASP B 85 -0.67 -11.46 11.80
C ASP B 85 -1.32 -10.17 11.34
N TYR B 86 -0.55 -9.08 11.44
CA TYR B 86 -1.03 -7.72 11.16
C TYR B 86 -0.18 -7.15 10.05
N GLN B 87 -0.81 -6.84 8.91
CA GLN B 87 -0.12 -6.28 7.75
C GLN B 87 -1.03 -5.23 7.11
N PHE B 88 -0.44 -4.20 6.52
CA PHE B 88 -1.28 -3.19 5.89
C PHE B 88 -0.51 -2.45 4.80
N THR B 89 -1.26 -1.86 3.88
CA THR B 89 -0.73 -1.13 2.74
C THR B 89 -1.54 0.14 2.58
N GLY B 90 -0.88 1.28 2.67
CA GLY B 90 -1.56 2.54 2.76
C GLY B 90 -2.10 2.80 4.15
N THR B 91 -2.37 4.05 4.43
CA THR B 91 -3.00 4.46 5.68
C THR B 91 -3.95 5.59 5.33
N PRO B 92 -4.85 5.99 6.23
CA PRO B 92 -5.65 7.20 5.94
C PRO B 92 -4.82 8.45 5.73
N GLU B 93 -3.67 8.57 6.40
CA GLU B 93 -2.79 9.71 6.19
C GLU B 93 -1.84 9.55 5.00
N GLU B 94 -1.53 8.33 4.58
N GLU B 94 -1.55 8.33 4.55
CA GLU B 94 -0.79 8.06 3.35
CA GLU B 94 -0.79 8.12 3.31
C GLU B 94 -1.46 6.90 2.60
C GLU B 94 -1.40 6.95 2.52
N PRO B 95 -2.54 7.20 1.87
CA PRO B 95 -3.17 6.12 1.08
C PRO B 95 -2.37 5.83 -0.18
N ILE B 96 -2.61 4.66 -0.75
CA ILE B 96 -1.86 4.17 -1.91
C ILE B 96 -2.83 3.93 -3.04
N LYS B 97 -2.66 4.67 -4.13
CA LYS B 97 -3.56 4.63 -5.29
C LYS B 97 -5.00 4.86 -4.85
N GLY B 98 -5.16 5.74 -3.87
CA GLY B 98 -6.45 6.17 -3.37
C GLY B 98 -7.04 5.32 -2.27
N TYR B 99 -6.36 4.26 -1.84
CA TYR B 99 -6.93 3.29 -0.92
C TYR B 99 -5.97 3.05 0.23
N TRP B 100 -6.51 2.56 1.34
CA TRP B 100 -5.70 1.92 2.37
C TRP B 100 -6.39 0.64 2.79
N THR B 101 -5.59 -0.39 3.04
CA THR B 101 -6.04 -1.76 3.23
C THR B 101 -5.31 -2.38 4.40
N THR B 102 -6.04 -3.11 5.25
CA THR B 102 -5.47 -3.75 6.42
C THR B 102 -5.94 -5.20 6.47
N THR B 103 -5.01 -6.12 6.67
CA THR B 103 -5.32 -7.54 6.68
C THR B 103 -4.83 -8.15 7.99
N ILE B 104 -5.75 -8.73 8.75
CA ILE B 104 -5.44 -9.45 9.98
C ILE B 104 -5.86 -10.90 9.77
N SER B 105 -4.99 -11.84 10.13
CA SER B 105 -5.20 -13.25 9.81
C SER B 105 -4.76 -14.12 10.97
N TYR B 106 -5.29 -15.34 11.02
CA TYR B 106 -4.83 -16.30 12.02
C TYR B 106 -3.43 -16.77 11.64
N ARG B 107 -2.50 -16.65 12.58
CA ARG B 107 -1.11 -16.99 12.30
C ARG B 107 -0.99 -18.44 11.85
N ASP B 108 -0.19 -18.67 10.81
CA ASP B 108 0.15 -19.99 10.29
C ASP B 108 -1.04 -20.74 9.72
N SER B 109 -2.08 -20.03 9.28
CA SER B 109 -3.24 -20.67 8.67
C SER B 109 -2.98 -20.83 7.18
N LYS B 110 -3.22 -22.04 6.67
CA LYS B 110 -3.14 -22.28 5.23
C LYS B 110 -4.21 -23.25 4.81
N PRO B 111 -5.14 -22.80 3.96
CA PRO B 111 -5.19 -21.46 3.37
C PRO B 111 -5.38 -20.36 4.43
N LYS B 112 -4.88 -19.17 4.13
CA LYS B 112 -4.85 -18.10 5.11
C LYS B 112 -6.28 -17.64 5.43
N ILE B 113 -6.65 -17.67 6.70
CA ILE B 113 -7.95 -17.17 7.15
C ILE B 113 -7.74 -15.73 7.62
N SER B 114 -8.22 -14.76 6.86
CA SER B 114 -7.95 -13.37 7.15
C SER B 114 -9.20 -12.54 6.92
N LEU B 115 -9.24 -11.37 7.57
CA LEU B 115 -10.20 -10.32 7.25
C LEU B 115 -9.43 -9.12 6.72
N THR B 116 -9.74 -8.73 5.49
CA THR B 116 -9.16 -7.57 4.85
C THR B 116 -10.20 -6.46 4.81
N ILE B 117 -9.84 -5.28 5.29
CA ILE B 117 -10.72 -4.13 5.24
C ILE B 117 -10.03 -3.07 4.39
N ARG B 118 -10.64 -2.77 3.26
CA ARG B 118 -10.16 -1.73 2.37
C ARG B 118 -11.04 -0.51 2.54
N GLN B 119 -10.45 0.66 2.48
CA GLN B 119 -11.19 1.90 2.70
C GLN B 119 -10.70 2.96 1.74
N GLU B 120 -11.59 3.91 1.46
CA GLU B 120 -11.24 5.07 0.66
C GLU B 120 -12.07 6.23 1.15
N PHE B 121 -11.57 7.44 0.86
CA PHE B 121 -12.37 8.64 1.10
C PHE B 121 -13.39 8.78 -0.03
N VAL B 122 -14.64 9.00 0.35
CA VAL B 122 -15.73 9.32 -0.56
C VAL B 122 -16.54 10.45 0.05
N GLU B 123 -17.37 11.07 -0.78
CA GLU B 123 -18.26 12.13 -0.30
C GLU B 123 -19.13 11.60 0.83
N GLY B 124 -19.12 12.31 1.94
CA GLY B 124 -19.80 11.85 3.14
C GLY B 124 -18.95 11.02 4.07
N GLY B 125 -17.66 10.82 3.78
CA GLY B 125 -16.76 10.19 4.73
C GLY B 125 -15.91 9.08 4.14
N VAL B 126 -16.04 7.87 4.69
CA VAL B 126 -15.29 6.71 4.23
C VAL B 126 -16.26 5.59 3.85
N GLU B 127 -16.02 4.97 2.69
CA GLU B 127 -16.61 3.67 2.37
C GLU B 127 -15.58 2.57 2.63
N SER B 128 -16.03 1.48 3.22
CA SER B 128 -15.24 0.30 3.52
C SER B 128 -15.70 -0.87 2.67
N GLN B 129 -14.76 -1.71 2.27
CA GLN B 129 -15.05 -2.95 1.57
C GLN B 129 -14.26 -4.04 2.28
N ALA B 130 -14.98 -5.01 2.84
CA ALA B 130 -14.41 -6.01 3.74
C ALA B 130 -14.54 -7.39 3.11
N VAL B 131 -13.42 -8.13 3.08
CA VAL B 131 -13.36 -9.46 2.49
C VAL B 131 -12.85 -10.42 3.55
N LEU B 132 -13.56 -11.52 3.73
CA LEU B 132 -13.19 -12.56 4.68
C LEU B 132 -12.72 -13.75 3.85
N ALA B 133 -11.41 -13.87 3.70
CA ALA B 133 -10.79 -14.99 3.00
C ALA B 133 -10.65 -16.15 3.96
N THR B 134 -11.28 -17.28 3.64
CA THR B 134 -11.35 -18.36 4.60
C THR B 134 -11.54 -19.68 3.85
N VAL B 135 -11.95 -20.72 4.56
CA VAL B 135 -12.02 -22.08 4.05
C VAL B 135 -13.46 -22.56 4.19
N VAL B 136 -13.87 -23.45 3.27
CA VAL B 136 -15.20 -24.05 3.32
C VAL B 136 -15.47 -24.64 4.70
N GLY B 137 -16.64 -24.31 5.26
CA GLY B 137 -17.12 -24.92 6.49
C GLY B 137 -16.73 -24.24 7.78
N ARG B 138 -15.94 -23.17 7.73
CA ARG B 138 -15.54 -22.47 8.93
C ARG B 138 -16.73 -21.73 9.55
N PRO B 139 -16.64 -21.38 11.00
CA PRO B 139 -17.66 -20.52 11.64
C PRO B 139 -17.47 -19.05 11.22
N HIS B 140 -17.92 -18.74 10.00
CA HIS B 140 -17.64 -17.45 9.39
C HIS B 140 -18.00 -16.27 10.29
N LEU B 141 -19.20 -16.28 10.84
CA LEU B 141 -19.65 -15.13 11.64
C LEU B 141 -18.75 -14.93 12.85
N GLN B 142 -18.47 -16.01 13.58
CA GLN B 142 -17.54 -15.95 14.69
C GLN B 142 -16.17 -15.45 14.25
N ASP B 143 -15.64 -16.00 13.15
CA ASP B 143 -14.36 -15.54 12.63
C ASP B 143 -14.39 -14.05 12.33
N PHE B 144 -15.38 -13.61 11.55
CA PHE B 144 -15.54 -12.20 11.24
C PHE B 144 -15.56 -11.35 12.50
N LEU B 145 -16.37 -11.73 13.49
CA LEU B 145 -16.49 -10.89 14.68
C LEU B 145 -15.19 -10.84 15.46
N LEU B 146 -14.37 -11.88 15.35
CA LEU B 146 -13.09 -11.92 16.05
C LEU B 146 -12.07 -11.03 15.34
N LEU B 147 -11.91 -11.23 14.04
CA LEU B 147 -11.00 -10.41 13.26
C LEU B 147 -11.46 -8.96 13.19
N LYS B 148 -12.77 -8.72 13.29
CA LYS B 148 -13.25 -7.34 13.30
C LYS B 148 -12.80 -6.63 14.56
N ARG B 149 -13.02 -7.23 15.72
CA ARG B 149 -12.49 -6.71 16.99
C ARG B 149 -11.02 -6.37 16.84
N LYS B 150 -10.24 -7.29 16.28
CA LYS B 150 -8.81 -7.05 16.13
C LYS B 150 -8.55 -5.87 15.21
N HIS B 151 -9.36 -5.68 14.17
CA HIS B 151 -9.23 -4.47 13.37
C HIS B 151 -9.54 -3.23 14.20
N LEU B 152 -10.61 -3.26 15.00
CA LEU B 152 -10.98 -2.10 15.81
C LEU B 152 -9.89 -1.75 16.81
N GLU B 153 -9.40 -2.73 17.56
CA GLU B 153 -8.34 -2.51 18.52
C GLU B 153 -7.01 -2.15 17.87
N TYR B 154 -6.80 -2.55 16.62
CA TYR B 154 -5.52 -2.28 15.97
C TYR B 154 -5.42 -0.85 15.44
N SER B 155 -6.53 -0.24 15.04
CA SER B 155 -6.46 1.05 14.37
C SER B 155 -7.16 2.15 15.16
N ASP B 156 -7.27 1.95 16.48
CA ASP B 156 -7.79 2.96 17.39
C ASP B 156 -9.30 3.14 17.20
N TYR B 157 -9.99 2.03 16.93
CA TYR B 157 -11.45 1.99 16.88
C TYR B 157 -12.05 3.06 16.00
N PRO B 158 -11.81 3.05 14.70
CA PRO B 158 -12.47 4.02 13.84
C PRO B 158 -13.95 3.70 13.74
N GLU B 159 -14.74 4.75 13.63
CA GLU B 159 -16.18 4.60 13.45
C GLU B 159 -16.48 3.76 12.22
N SER B 160 -15.75 4.01 11.12
CA SER B 160 -16.04 3.38 9.84
C SER B 160 -15.96 1.86 9.92
N ILE B 161 -15.04 1.32 10.72
CA ILE B 161 -14.92 -0.13 10.82
C ILE B 161 -16.01 -0.69 11.71
N ASP B 162 -16.39 0.04 12.77
CA ASP B 162 -17.45 -0.43 13.65
C ASP B 162 -18.78 -0.56 12.90
N LEU B 163 -18.95 0.18 11.79
CA LEU B 163 -20.19 0.21 11.00
C LEU B 163 -20.32 -0.94 10.02
N ILE B 164 -19.30 -1.77 9.83
CA ILE B 164 -19.37 -2.86 8.85
C ILE B 164 -20.09 -4.03 9.50
N GLU B 165 -21.20 -4.46 8.90
CA GLU B 165 -21.92 -5.62 9.39
C GLU B 165 -21.47 -6.87 8.65
N PHE B 166 -21.62 -8.02 9.30
CA PHE B 166 -21.32 -9.29 8.64
C PHE B 166 -22.00 -9.39 7.28
N GLY B 167 -23.22 -8.85 7.15
CA GLY B 167 -23.86 -8.89 5.85
C GLY B 167 -23.19 -8.02 4.82
N ASP B 168 -22.32 -7.11 5.26
CA ASP B 168 -21.52 -6.29 4.34
C ASP B 168 -20.28 -7.01 3.83
N VAL B 169 -19.95 -8.18 4.36
CA VAL B 169 -18.64 -8.79 4.14
C VAL B 169 -18.71 -9.75 2.96
N LYS B 170 -17.80 -9.55 2.00
CA LYS B 170 -17.67 -10.48 0.89
C LYS B 170 -16.81 -11.66 1.35
N VAL B 171 -17.44 -12.83 1.40
CA VAL B 171 -16.80 -14.03 1.93
C VAL B 171 -16.29 -14.86 0.77
N ILE B 172 -15.04 -15.30 0.88
CA ILE B 172 -14.36 -16.11 -0.13
C ILE B 172 -13.93 -17.38 0.55
N GLU B 173 -14.51 -18.50 0.14
CA GLU B 173 -14.21 -19.79 0.73
C GLU B 173 -13.26 -20.52 -0.21
N LYS B 174 -12.08 -20.81 0.27
CA LYS B 174 -11.16 -21.62 -0.51
C LYS B 174 -11.33 -23.07 -0.09
N THR B 175 -11.18 -23.96 -1.05
CA THR B 175 -11.16 -25.38 -0.75
C THR B 175 -9.72 -25.77 -0.45
N VAL B 176 -9.56 -26.66 0.52
CA VAL B 176 -8.30 -27.36 0.70
C VAL B 176 -8.22 -28.44 -0.37
N GLY B 177 -7.01 -28.67 -0.87
CA GLY B 177 -6.82 -29.76 -1.79
C GLY B 177 -7.25 -31.09 -1.19
N HIS B 178 -7.38 -32.07 -2.07
CA HIS B 178 -7.68 -33.44 -1.67
C HIS B 178 -6.56 -34.39 -2.03
N GLY B 179 -5.34 -33.87 -2.14
CA GLY B 179 -4.20 -34.70 -2.46
C GLY B 179 -3.98 -34.89 -3.93
N GLN B 180 -4.52 -34.03 -4.77
CA GLN B 180 -4.30 -34.17 -6.19
C GLN B 180 -2.84 -33.87 -6.51
N PRO B 181 -2.20 -34.64 -7.39
CA PRO B 181 -0.90 -34.20 -7.91
C PRO B 181 -1.10 -32.89 -8.68
N VAL B 182 -0.02 -32.12 -8.78
CA VAL B 182 -0.12 -30.78 -9.34
C VAL B 182 0.89 -30.60 -10.46
N VAL B 183 0.48 -29.83 -11.47
CA VAL B 183 1.33 -29.50 -12.60
C VAL B 183 1.72 -28.04 -12.47
N LEU B 184 3.02 -27.75 -12.61
CA LEU B 184 3.52 -26.39 -12.65
C LEU B 184 3.61 -25.96 -14.11
N TYR B 185 2.91 -24.89 -14.46
CA TYR B 185 2.96 -24.32 -15.80
C TYR B 185 2.81 -22.82 -15.69
N MET B 186 3.70 -22.07 -16.33
CA MET B 186 3.68 -20.61 -16.28
C MET B 186 3.57 -20.11 -14.83
N ALA B 187 4.50 -20.57 -13.98
CA ALA B 187 4.55 -20.17 -12.58
C ALA B 187 3.24 -20.44 -11.84
N SER B 188 2.42 -21.38 -12.30
CA SER B 188 1.14 -21.62 -11.65
C SER B 188 0.94 -23.12 -11.48
N LEU B 189 0.24 -23.48 -10.41
CA LEU B 189 -0.05 -24.88 -10.13
C LEU B 189 -1.44 -25.25 -10.66
N PHE B 190 -1.51 -26.33 -11.43
CA PHE B 190 -2.77 -26.89 -11.90
C PHE B 190 -3.01 -28.21 -11.19
N PRO B 191 -3.90 -28.28 -10.20
CA PRO B 191 -4.14 -29.57 -9.54
C PRO B 191 -4.97 -30.45 -10.46
N ILE B 192 -4.57 -31.71 -10.59
CA ILE B 192 -5.23 -32.62 -11.52
C ILE B 192 -6.61 -32.98 -10.96
N GLY B 193 -7.65 -32.66 -11.71
CA GLY B 193 -9.01 -32.86 -11.28
C GLY B 193 -9.73 -31.58 -10.92
N LEU B 194 -9.00 -30.49 -10.73
CA LEU B 194 -9.60 -29.18 -10.50
C LEU B 194 -9.48 -28.33 -11.75
N THR B 195 -10.29 -27.26 -11.79
CA THR B 195 -10.32 -26.30 -12.88
C THR B 195 -9.59 -25.00 -12.55
N LYS B 196 -9.28 -24.76 -11.29
CA LYS B 196 -8.59 -23.56 -10.86
C LYS B 196 -7.10 -23.79 -10.76
N ILE B 197 -6.36 -22.69 -10.80
CA ILE B 197 -4.91 -22.71 -10.62
C ILE B 197 -4.59 -21.95 -9.35
N ALA B 198 -3.40 -22.23 -8.81
CA ALA B 198 -2.82 -21.45 -7.74
C ALA B 198 -1.57 -20.80 -8.30
N GLU B 199 -1.66 -19.51 -8.62
CA GLU B 199 -0.49 -18.75 -9.04
C GLU B 199 0.56 -18.75 -7.95
N GLN B 200 1.80 -19.02 -8.35
CA GLN B 200 2.94 -19.03 -7.45
C GLN B 200 3.78 -17.78 -7.65
N GLY B 201 4.43 -17.34 -6.58
CA GLY B 201 5.44 -16.31 -6.70
C GLY B 201 6.48 -16.68 -7.74
N ILE B 202 6.79 -15.74 -8.63
CA ILE B 202 7.68 -16.02 -9.75
C ILE B 202 9.15 -15.97 -9.33
N GLY B 203 9.51 -15.04 -8.45
CA GLY B 203 10.91 -14.94 -8.03
C GLY B 203 11.76 -14.30 -9.10
N CYS B 204 12.89 -14.95 -9.44
CA CYS B 204 13.75 -14.51 -10.53
C CYS B 204 14.24 -13.06 -10.36
N HIS B 205 14.75 -12.76 -9.16
CA HIS B 205 15.15 -11.40 -8.83
C HIS B 205 16.63 -11.10 -9.04
N ASN B 206 17.46 -12.07 -9.44
CA ASN B 206 18.80 -11.70 -9.88
C ASN B 206 18.79 -11.39 -11.37
N GLU B 207 19.86 -10.75 -11.83
CA GLU B 207 19.92 -10.33 -13.24
C GLU B 207 19.79 -11.52 -14.17
N LYS B 208 20.52 -12.60 -13.88
CA LYS B 208 20.55 -13.74 -14.80
C LYS B 208 19.16 -14.34 -14.98
N ASN B 209 18.47 -14.63 -13.87
CA ASN B 209 17.14 -15.25 -13.96
C ASN B 209 16.09 -14.28 -14.49
N ASP B 210 16.21 -12.99 -14.16
CA ASP B 210 15.36 -11.98 -14.76
C ASP B 210 15.48 -12.01 -16.28
N ALA B 211 16.71 -12.05 -16.79
CA ALA B 211 16.92 -12.08 -18.23
C ALA B 211 16.45 -13.40 -18.81
N THR B 212 16.57 -14.50 -18.07
CA THR B 212 16.06 -15.78 -18.56
C THR B 212 14.55 -15.77 -18.63
N LEU B 213 13.89 -15.24 -17.59
CA LEU B 213 12.43 -15.16 -17.57
C LEU B 213 11.90 -14.40 -18.78
N LYS B 214 12.51 -13.25 -19.08
CA LYS B 214 12.06 -12.48 -20.23
C LYS B 214 12.30 -13.23 -21.53
N SER B 215 13.42 -13.95 -21.60
CA SER B 215 13.73 -14.73 -22.79
C SER B 215 12.76 -15.92 -22.96
N LEU B 216 12.52 -16.67 -21.89
CA LEU B 216 11.68 -17.86 -21.98
C LEU B 216 10.23 -17.51 -22.36
N LEU B 217 9.68 -16.43 -21.80
CA LEU B 217 8.29 -16.08 -22.11
C LEU B 217 8.13 -15.79 -23.59
N LYS B 218 9.03 -14.98 -24.16
CA LYS B 218 8.97 -14.69 -25.59
C LYS B 218 9.07 -15.97 -26.40
N THR B 219 10.01 -16.85 -26.02
CA THR B 219 10.16 -18.13 -26.73
C THR B 219 8.93 -19.01 -26.57
N ALA B 220 8.37 -19.08 -25.35
CA ALA B 220 7.15 -19.87 -25.16
C ALA B 220 6.04 -19.41 -26.09
N ILE B 221 5.80 -18.09 -26.13
CA ILE B 221 4.75 -17.58 -27.02
C ILE B 221 5.13 -17.85 -28.47
N LEU B 222 6.41 -17.70 -28.79
CA LEU B 222 6.93 -17.99 -30.12
C LEU B 222 6.67 -19.45 -30.49
N ASN B 223 6.69 -20.35 -29.50
CA ASN B 223 6.51 -21.76 -29.78
C ASN B 223 5.04 -22.14 -29.94
N MET B 224 4.12 -21.18 -29.90
CA MET B 224 2.72 -21.43 -30.17
C MET B 224 2.32 -20.82 -31.50
N THR B 225 1.45 -21.50 -32.20
CA THR B 225 0.75 -20.92 -33.33
C THR B 225 -0.50 -20.18 -32.84
N PRO B 226 -1.02 -19.24 -33.64
CA PRO B 226 -2.29 -18.62 -33.28
C PRO B 226 -3.41 -19.62 -33.02
N ASP B 227 -3.45 -20.74 -33.76
CA ASP B 227 -4.39 -21.81 -33.42
C ASP B 227 -4.06 -22.43 -32.06
N ASP B 228 -2.77 -22.65 -31.77
CA ASP B 228 -2.39 -23.17 -30.46
C ASP B 228 -2.97 -22.33 -29.33
N VAL B 229 -2.94 -21.00 -29.46
CA VAL B 229 -3.46 -20.16 -28.40
C VAL B 229 -4.98 -20.25 -28.32
N SER B 230 -5.66 -20.27 -29.47
CA SER B 230 -7.12 -20.39 -29.47
C SER B 230 -7.61 -21.70 -28.88
N LEU B 231 -6.72 -22.67 -28.63
CA LEU B 231 -7.08 -23.96 -28.07
C LEU B 231 -6.82 -24.08 -26.56
N LEU B 232 -6.09 -23.12 -25.94
CA LEU B 232 -5.69 -23.29 -24.55
C LEU B 232 -6.88 -23.09 -23.61
N PRO B 233 -6.99 -23.92 -22.56
CA PRO B 233 -8.04 -23.69 -21.56
C PRO B 233 -7.91 -22.31 -20.93
N ARG B 234 -9.00 -21.88 -20.30
CA ARG B 234 -8.97 -20.59 -19.61
C ARG B 234 -7.94 -20.58 -18.50
N SER B 235 -7.67 -21.73 -17.89
CA SER B 235 -6.77 -21.80 -16.76
C SER B 235 -5.31 -21.62 -17.19
N LYS B 236 -4.95 -22.12 -18.37
CA LYS B 236 -3.59 -21.91 -18.86
C LYS B 236 -3.42 -20.47 -19.30
N LEU B 237 -4.47 -19.87 -19.87
CA LEU B 237 -4.44 -18.46 -20.24
C LEU B 237 -4.24 -17.58 -19.00
N ASP B 238 -4.95 -17.89 -17.92
CA ASP B 238 -4.73 -17.13 -16.69
C ASP B 238 -3.32 -17.32 -16.18
N ALA B 239 -2.78 -18.53 -16.36
CA ALA B 239 -1.40 -18.80 -15.99
C ALA B 239 -0.45 -17.91 -16.77
N ILE B 240 -0.65 -17.84 -18.09
CA ILE B 240 0.21 -17.03 -18.93
C ILE B 240 0.06 -15.56 -18.59
N ASP B 241 -1.16 -15.12 -18.28
CA ASP B 241 -1.36 -13.76 -17.80
C ASP B 241 -0.51 -13.48 -16.57
N HIS B 242 -0.53 -14.40 -15.60
CA HIS B 242 0.32 -14.31 -14.41
C HIS B 242 1.76 -13.96 -14.77
N VAL B 243 2.33 -14.60 -15.80
CA VAL B 243 3.75 -14.40 -16.10
C VAL B 243 3.96 -13.15 -16.95
N VAL B 244 3.09 -12.92 -17.94
CA VAL B 244 3.20 -11.75 -18.80
C VAL B 244 3.21 -10.47 -17.97
N ARG B 245 2.23 -10.31 -17.07
CA ARG B 245 2.13 -9.09 -16.29
C ARG B 245 3.34 -8.90 -15.39
N ASN B 246 3.87 -10.00 -14.84
CA ASN B 246 5.06 -9.89 -14.01
C ASN B 246 6.26 -9.44 -14.81
N VAL B 247 6.35 -9.84 -16.08
CA VAL B 247 7.49 -9.47 -16.91
C VAL B 247 7.43 -8.00 -17.26
N TYR B 248 6.25 -7.50 -17.62
CA TYR B 248 6.16 -6.12 -18.07
C TYR B 248 6.39 -5.12 -16.94
N LEU B 249 6.18 -5.52 -15.67
CA LEU B 249 6.54 -4.70 -14.53
C LEU B 249 8.05 -4.62 -14.33
N ARG B 250 8.83 -5.31 -15.16
CA ARG B 250 10.30 -5.30 -15.11
C ARG B 250 10.90 -4.41 -16.19
N PHE B 251 10.08 -3.67 -16.91
CA PHE B 251 10.53 -2.84 -18.02
C PHE B 251 10.04 -1.41 -17.83
N ASN B 252 10.82 -0.46 -18.29
CA ASN B 252 10.22 0.83 -18.57
C ASN B 252 9.63 0.77 -19.98
N ASN B 253 8.91 1.83 -20.35
CA ASN B 253 8.13 1.77 -21.58
C ASN B 253 9.01 1.54 -22.81
N SER B 254 10.19 2.14 -22.85
CA SER B 254 11.05 1.95 -24.02
C SER B 254 11.58 0.51 -24.07
N SER B 255 11.96 -0.04 -22.92
CA SER B 255 12.43 -1.43 -22.90
C SER B 255 11.32 -2.40 -23.27
N ALA B 256 10.11 -2.17 -22.73
CA ALA B 256 8.97 -3.05 -23.00
C ALA B 256 8.68 -3.13 -24.48
N VAL B 257 8.58 -1.97 -25.12
CA VAL B 257 8.38 -1.94 -26.57
C VAL B 257 9.54 -2.61 -27.29
N SER B 258 10.78 -2.40 -26.80
CA SER B 258 11.94 -3.02 -27.44
C SER B 258 11.97 -4.52 -27.23
N TYR B 259 11.47 -5.00 -26.08
CA TYR B 259 11.31 -6.43 -25.82
C TYR B 259 10.61 -7.14 -26.98
N GLY B 260 9.54 -6.55 -27.51
CA GLY B 260 8.94 -6.99 -28.75
C GLY B 260 7.95 -8.13 -28.66
N LEU B 261 7.67 -8.64 -27.46
CA LEU B 261 6.68 -9.69 -27.31
C LEU B 261 5.33 -9.26 -27.88
N HIS B 262 5.01 -7.97 -27.79
CA HIS B 262 3.74 -7.46 -28.30
C HIS B 262 3.63 -7.58 -29.81
N LYS B 263 4.75 -7.79 -30.50
CA LYS B 263 4.73 -7.81 -31.96
C LYS B 263 4.40 -9.16 -32.55
N LEU B 264 4.31 -10.19 -31.72
CA LEU B 264 4.14 -11.56 -32.19
C LEU B 264 2.67 -11.87 -32.43
N GLN B 265 2.39 -12.64 -33.48
CA GLN B 265 1.01 -13.02 -33.79
C GLN B 265 0.37 -13.76 -32.63
N SER B 266 1.06 -14.77 -32.10
CA SER B 266 0.47 -15.57 -31.03
C SER B 266 0.21 -14.73 -29.80
N PHE B 267 1.03 -13.69 -29.58
CA PHE B 267 0.75 -12.80 -28.46
C PHE B 267 -0.45 -11.90 -28.74
N GLU B 268 -0.66 -11.52 -30.01
CA GLU B 268 -1.87 -10.76 -30.34
C GLU B 268 -3.11 -11.60 -30.05
N LYS B 269 -3.03 -12.91 -30.30
CA LYS B 269 -4.14 -13.79 -29.93
C LYS B 269 -4.29 -13.88 -28.42
N ILE B 270 -3.19 -13.81 -27.68
CA ILE B 270 -3.26 -13.75 -26.22
C ILE B 270 -3.86 -12.42 -25.76
N LEU B 271 -3.59 -11.34 -26.50
CA LEU B 271 -4.14 -10.04 -26.10
C LEU B 271 -5.67 -10.02 -26.26
N GLN B 272 -6.19 -10.77 -27.23
CA GLN B 272 -7.63 -10.83 -27.43
C GLN B 272 -8.33 -11.57 -26.30
N LEU B 273 -7.69 -12.58 -25.71
CA LEU B 273 -8.29 -13.39 -24.66
C LEU B 273 -8.02 -12.86 -23.26
N ASN B 274 -6.92 -12.14 -23.04
CA ASN B 274 -6.53 -11.73 -21.70
C ASN B 274 -6.60 -10.23 -21.46
N GLY B 275 -6.67 -9.41 -22.50
CA GLY B 275 -6.60 -7.97 -22.31
C GLY B 275 -5.38 -7.33 -22.94
N ARG B 276 -5.43 -6.02 -23.19
CA ARG B 276 -4.38 -5.27 -23.85
C ARG B 276 -3.67 -4.29 -22.92
N ILE B 277 -4.11 -4.14 -21.69
CA ILE B 277 -3.63 -3.10 -20.78
C ILE B 277 -2.57 -3.71 -19.87
N TYR B 278 -1.33 -3.21 -19.95
CA TYR B 278 -0.22 -3.75 -19.18
C TYR B 278 0.52 -2.64 -18.46
N GLU B 279 0.52 -2.72 -17.13
CA GLU B 279 1.41 -1.87 -16.34
C GLU B 279 2.86 -2.22 -16.60
N THR B 280 3.71 -1.21 -16.53
CA THR B 280 5.16 -1.36 -16.63
C THR B 280 5.80 -0.67 -15.42
N LYS B 281 7.13 -0.76 -15.36
CA LYS B 281 7.87 -0.04 -14.34
C LYS B 281 7.63 1.46 -14.44
N GLU B 282 7.30 1.95 -15.64
CA GLU B 282 7.20 3.38 -15.89
C GLU B 282 5.78 3.89 -15.78
N SER B 283 4.86 3.28 -16.52
CA SER B 283 3.45 3.64 -16.41
C SER B 283 2.58 2.47 -16.83
N THR B 284 1.79 2.67 -17.87
CA THR B 284 0.94 1.62 -18.37
C THR B 284 0.91 1.70 -19.88
N LEU B 285 1.03 0.56 -20.55
CA LEU B 285 0.91 0.51 -21.99
C LEU B 285 -0.36 -0.23 -22.42
N VAL B 286 -0.88 0.12 -23.60
CA VAL B 286 -1.93 -0.66 -24.24
C VAL B 286 -1.39 -1.16 -25.58
N PHE B 287 -1.34 -2.47 -25.73
CA PHE B 287 -0.86 -3.09 -26.96
C PHE B 287 -2.07 -3.30 -27.87
N HIS B 288 -2.38 -2.29 -28.66
CA HIS B 288 -3.63 -2.27 -29.41
C HIS B 288 -3.45 -2.86 -30.80
N HIS B 289 -4.46 -3.62 -31.26
CA HIS B 289 -4.39 -4.29 -32.55
C HIS B 289 -4.58 -3.32 -33.71
N LYS B 290 -5.11 -2.13 -33.47
CA LYS B 290 -5.37 -1.18 -34.55
C LYS B 290 -4.46 0.04 -34.48
N LYS B 291 -4.30 0.63 -33.30
CA LYS B 291 -3.58 1.89 -33.16
C LYS B 291 -2.09 1.72 -32.93
N GLY B 292 -1.63 0.52 -32.60
CA GLY B 292 -0.24 0.31 -32.28
C GLY B 292 0.01 0.31 -30.79
N VAL B 293 1.24 0.60 -30.39
CA VAL B 293 1.57 0.73 -28.98
C VAL B 293 1.04 2.06 -28.46
N LEU B 294 0.34 2.03 -27.35
CA LEU B 294 -0.23 3.24 -26.77
C LEU B 294 0.21 3.34 -25.33
N VAL B 295 0.22 4.56 -24.81
CA VAL B 295 0.76 4.83 -23.49
C VAL B 295 -0.25 5.66 -22.70
N GLU B 296 -0.40 5.33 -21.43
CA GLU B 296 -1.27 6.11 -20.54
C GLU B 296 -0.85 7.58 -20.57
N ASP B 297 -1.86 8.43 -20.65
CA ASP B 297 -1.65 9.86 -20.89
C ASP B 297 -2.97 10.57 -20.62
N LEU B 298 -3.03 11.30 -19.51
CA LEU B 298 -4.28 11.97 -19.15
C LEU B 298 -4.71 12.97 -20.21
N LYS B 299 -3.78 13.45 -21.04
CA LYS B 299 -4.12 14.33 -22.16
C LYS B 299 -4.49 13.56 -23.43
N GLY B 300 -4.73 12.26 -23.32
CA GLY B 300 -4.98 11.45 -24.50
C GLY B 300 -6.30 11.79 -25.19
N LEU B 301 -6.23 11.88 -26.53
CA LEU B 301 -7.39 12.00 -27.39
C LEU B 301 -8.09 10.68 -27.64
N MET B 302 -7.55 9.58 -27.11
CA MET B 302 -8.12 8.26 -27.31
C MET B 302 -8.34 7.58 -25.97
N SER B 303 -9.28 6.64 -25.96
CA SER B 303 -9.66 5.94 -24.74
C SER B 303 -9.73 4.43 -24.98
N TYR B 304 -9.14 3.64 -24.10
CA TYR B 304 -9.25 2.20 -24.19
C TYR B 304 -9.73 1.70 -22.84
N LYS B 305 -10.96 1.18 -22.84
CA LYS B 305 -11.66 0.78 -21.62
C LYS B 305 -11.64 1.90 -20.58
N THR B 306 -11.82 3.14 -21.05
CA THR B 306 -11.88 4.41 -20.33
C THR B 306 -10.51 4.94 -19.91
N LEU B 307 -9.42 4.18 -20.14
CA LEU B 307 -8.08 4.68 -19.91
C LEU B 307 -7.69 5.63 -21.05
N ARG B 308 -7.34 6.88 -20.70
CA ARG B 308 -6.87 7.83 -21.69
C ARG B 308 -5.46 7.47 -22.14
N VAL B 309 -5.26 7.41 -23.45
CA VAL B 309 -4.00 6.95 -24.00
C VAL B 309 -3.65 7.83 -25.20
N SER B 310 -2.34 7.96 -25.44
CA SER B 310 -1.79 8.50 -26.66
C SER B 310 -0.91 7.43 -27.30
N GLU B 311 -0.51 7.67 -28.55
CA GLU B 311 0.40 6.75 -29.22
C GLU B 311 1.78 6.83 -28.55
N TRP B 312 2.27 5.70 -28.05
CA TRP B 312 3.61 5.68 -27.48
C TRP B 312 4.61 5.87 -28.60
N ARG B 313 5.43 6.92 -28.52
CA ARG B 313 6.59 7.06 -29.39
C ARG B 313 7.85 7.29 -28.58
N GLU B 314 8.99 6.94 -29.18
CA GLU B 314 10.26 6.95 -28.46
C GLU B 314 10.62 8.35 -28.00
N LYS B 315 10.90 8.49 -26.71
CA LYS B 315 11.26 9.79 -26.16
C LYS B 315 12.52 10.31 -26.85
N GLN B 316 12.40 11.49 -27.45
CA GLN B 316 13.49 12.15 -28.15
C GLN B 316 13.74 13.50 -27.48
N GLU B 317 15.00 13.91 -27.44
CA GLU B 317 15.46 15.11 -26.73
C GLU B 317 14.73 16.39 -27.15
N PRO B 318 14.32 16.55 -28.42
CA PRO B 318 13.57 17.77 -28.80
C PRO B 318 12.28 18.02 -28.02
N GLU B 319 11.62 16.99 -27.48
CA GLU B 319 10.45 17.25 -26.65
C GLU B 319 10.87 17.80 -25.28
N GLU B 320 11.97 17.30 -24.74
CA GLU B 320 12.42 17.66 -23.40
C GLU B 320 13.12 19.01 -23.36
N ALA B 321 13.72 19.44 -24.47
CA ALA B 321 14.31 20.77 -24.51
C ALA B 321 13.25 21.85 -24.34
N ARG B 322 12.00 21.56 -24.69
CA ARG B 322 10.91 22.50 -24.59
C ARG B 322 10.15 22.39 -23.26
N VAL B 323 10.42 21.35 -22.46
CA VAL B 323 9.80 21.23 -21.15
C VAL B 323 10.06 22.51 -20.35
N GLU B 324 8.98 23.21 -20.02
CA GLU B 324 9.07 24.52 -19.38
C GLU B 324 9.34 24.32 -17.90
N VAL B 325 10.51 24.77 -17.44
CA VAL B 325 10.80 24.76 -16.02
C VAL B 325 10.02 25.91 -15.38
N LEU B 326 9.29 25.60 -14.30
CA LEU B 326 8.39 26.55 -13.69
C LEU B 326 9.01 27.17 -12.44
N GLU B 327 8.74 28.45 -12.27
CA GLU B 327 9.11 29.19 -11.07
C GLU B 327 8.50 28.55 -9.83
N GLU B 328 9.30 28.51 -8.76
CA GLU B 328 8.86 27.89 -7.51
C GLU B 328 7.89 28.78 -6.76
PG MGT C . 20.61 -1.02 -19.59
O1G MGT C . 20.70 -0.55 -21.02
O2G MGT C . 20.86 0.13 -18.65
O3G MGT C . 19.23 -1.57 -19.34
O3B MGT C . 21.69 -2.16 -19.36
PB MGT C . 21.33 -3.62 -18.88
O1B MGT C . 22.55 -4.50 -18.92
O2B MGT C . 20.31 -4.20 -19.83
O3A MGT C . 20.75 -3.54 -17.40
PA MGT C . 19.40 -4.24 -16.93
O1A MGT C . 19.70 -5.70 -16.70
O2A MGT C . 18.40 -4.07 -18.07
O5' MGT C . 18.77 -3.62 -15.62
C5' MGT C . 17.67 -4.26 -15.04
C4' MGT C . 16.38 -3.86 -15.71
O4' MGT C . 15.25 -5.03 -15.59
C3' MGT C . 15.91 -2.82 -15.10
O3' MGT C . 15.16 -1.93 -16.06
C2' MGT C . 14.99 -3.39 -14.03
O2' MGT C . 13.89 -2.63 -13.90
C1' MGT C . 14.51 -4.75 -14.55
N9 MGT C . 14.55 -5.78 -13.52
C8 MGT C . 15.71 -6.64 -13.19
N7 MGT C . 15.27 -7.54 -12.10
CM7 MGT C . 16.08 -8.54 -11.47
C5 MGT C . 13.93 -7.23 -11.80
C6 MGT C . 12.97 -7.80 -10.80
O6 MGT C . 13.31 -8.72 -10.06
N1 MGT C . 11.65 -7.30 -10.69
C2 MGT C . 11.23 -6.22 -11.55
N2 MGT C . 9.90 -5.72 -11.46
N3 MGT C . 12.15 -5.66 -12.52
C4 MGT C . 13.51 -6.17 -12.65
#